data_8TS5
#
_entry.id   8TS5
#
_cell.length_a   44.688
_cell.length_b   73.792
_cell.length_c   174.202
_cell.angle_alpha   90.00
_cell.angle_beta   96.37
_cell.angle_gamma   90.00
#
_symmetry.space_group_name_H-M   'P 1 21 1'
#
loop_
_entity.id
_entity.type
_entity.pdbx_description
1 polymer 'S1C variant of Fab C1 heavy chain'
2 polymer 'S1C variant of Fab C1 light chain'
3 non-polymer 2-[BIS-(2-HYDROXY-ETHYL)-AMINO]-2-HYDROXYMETHYL-PROPANE-1,3-DIOL
4 non-polymer DI(HYDROXYETHYL)ETHER
5 non-polymer 1,2-ETHANEDIOL
6 non-polymer 'ACETATE ION'
7 non-polymer 'SODIUM ION'
8 non-polymer 'CHLORIDE ION'
9 water water
#
loop_
_entity_poly.entity_id
_entity_poly.type
_entity_poly.pdbx_seq_one_letter_code
_entity_poly.pdbx_strand_id
1 'polypeptide(L)'
;EVQLVESGGGLVQPGGSLRLSCAASGFTIYYSSMHWVRQAPGKGLEWVASISSYYGYTYYADSVKGRFTISADTSKNTAY
LQMNSLRAEDTAVYYCARYYAMDYWGQGTLVTVSSASTKGPSVFPLAPSSKSTSGGTAALGCLVKDYFPEPVTVSWNSGA
LTSGVHTFPAVLQSSGLYSLSSVVTVPSSSLGTQTYICNVNHKPSNTKVDKKVEPKSCDKTHT
;
A,B
2 'polypeptide(L)'
;DIQMTQSPSSLSASVGDRVTITCRASQSVSSAVAWYQQKPGKAPKLLIYSASSLYSGVPSRFSGSRSGTDFTLTISSLQP
EDFATYYCQQYYGYGGYPITFGQGTKVEIKRTVAAPSVFIFPPSDEQLKSGTASVVCLLNNFYPREAKVSWYVDNALQSG
NSQESVTEQDSKDSTYSLSSTLTLSKADYEKHKVYACEVTQGTTSVTKSFNRGEC
;
G,C
#
loop_
_chem_comp.id
_chem_comp.type
_chem_comp.name
_chem_comp.formula
ACT non-polymer 'ACETATE ION' 'C2 H3 O2 -1'
BTB non-polymer 2-[BIS-(2-HYDROXY-ETHYL)-AMINO]-2-HYDROXYMETHYL-PROPANE-1,3-DIOL 'C8 H19 N O5'
CL non-polymer 'CHLORIDE ION' 'Cl -1'
EDO non-polymer 1,2-ETHANEDIOL 'C2 H6 O2'
NA non-polymer 'SODIUM ION' 'Na 1'
PEG non-polymer DI(HYDROXYETHYL)ETHER 'C4 H10 O3'
#
# COMPACT_ATOMS: atom_id res chain seq x y z
N GLU A 1 2.76 0.90 7.68
CA GLU A 1 3.75 0.05 7.04
C GLU A 1 4.20 0.69 5.76
N VAL A 2 3.28 1.37 5.08
CA VAL A 2 3.64 2.16 3.90
C VAL A 2 4.30 3.45 4.38
N GLN A 3 5.51 3.74 3.89
CA GLN A 3 6.24 4.94 4.28
C GLN A 3 7.08 5.42 3.11
N LEU A 4 7.14 6.75 2.96
CA LEU A 4 7.97 7.42 1.97
C LEU A 4 8.97 8.30 2.69
N VAL A 5 10.26 8.01 2.56
CA VAL A 5 11.30 8.74 3.26
C VAL A 5 12.15 9.48 2.23
N GLU A 6 12.13 10.80 2.31
CA GLU A 6 12.89 11.64 1.40
C GLU A 6 14.24 12.01 1.97
N SER A 7 15.16 12.33 1.07
CA SER A 7 16.46 12.88 1.46
C SER A 7 17.05 13.57 0.25
N GLY A 8 18.17 14.25 0.46
CA GLY A 8 18.89 14.88 -0.61
C GLY A 8 18.69 16.37 -0.76
N GLY A 9 17.77 16.97 0.00
CA GLY A 9 17.58 18.41 -0.08
C GLY A 9 18.81 19.17 0.41
N GLY A 10 18.75 20.48 0.21
CA GLY A 10 19.79 21.33 0.75
C GLY A 10 19.93 22.62 -0.03
N LEU A 11 21.16 23.12 -0.04
CA LEU A 11 21.51 24.40 -0.63
C LEU A 11 22.32 24.16 -1.90
N VAL A 12 22.06 24.96 -2.94
CA VAL A 12 22.92 24.95 -4.12
C VAL A 12 22.87 26.32 -4.81
N GLN A 13 24.00 26.66 -5.42
CA GLN A 13 24.14 27.89 -6.18
C GLN A 13 23.17 27.88 -7.36
N PRO A 14 22.78 29.06 -7.83
CA PRO A 14 21.90 29.13 -9.00
C PRO A 14 22.54 28.41 -10.19
N GLY A 15 21.71 27.64 -10.90
CA GLY A 15 22.15 26.83 -12.01
C GLY A 15 22.67 25.47 -11.60
N GLY A 16 22.84 25.21 -10.31
CA GLY A 16 23.40 23.98 -9.82
C GLY A 16 22.40 22.84 -9.79
N SER A 17 22.87 21.73 -9.24
CA SER A 17 22.16 20.47 -9.33
C SER A 17 21.96 19.89 -7.94
N LEU A 18 20.82 19.24 -7.75
CA LEU A 18 20.50 18.41 -6.59
C LEU A 18 19.68 17.21 -7.04
N ARG A 19 19.89 16.09 -6.36
CA ARG A 19 19.09 14.88 -6.54
C ARG A 19 18.33 14.59 -5.26
N LEU A 20 16.99 14.56 -5.37
CA LEU A 20 16.12 14.19 -4.27
C LEU A 20 15.75 12.72 -4.41
N SER A 21 15.79 12.02 -3.28
CA SER A 21 15.45 10.60 -3.23
C SER A 21 14.16 10.43 -2.45
N CYS A 22 13.33 9.49 -2.90
CA CYS A 22 12.09 9.10 -2.23
C CYS A 22 12.16 7.59 -2.04
N ALA A 23 12.56 7.16 -0.86
CA ALA A 23 12.68 5.74 -0.56
C ALA A 23 11.34 5.22 -0.08
N ALA A 24 10.78 4.25 -0.78
CA ALA A 24 9.48 3.68 -0.45
C ALA A 24 9.64 2.39 0.35
N SER A 25 8.81 2.22 1.37
CA SER A 25 8.74 0.97 2.09
C SER A 25 7.29 0.59 2.30
N GLY A 26 7.08 -0.71 2.47
CA GLY A 26 5.78 -1.28 2.63
C GLY A 26 5.07 -1.62 1.34
N PHE A 27 5.68 -1.37 0.19
CA PHE A 27 5.03 -1.57 -1.10
C PHE A 27 6.06 -1.47 -2.21
N THR A 28 5.82 -2.25 -3.26
CA THR A 28 6.73 -2.28 -4.40
C THR A 28 6.41 -1.14 -5.35
N ILE A 29 7.40 -0.28 -5.59
CA ILE A 29 7.19 0.97 -6.33
C ILE A 29 6.83 0.70 -7.79
N TYR A 30 7.21 -0.47 -8.32
CA TYR A 30 6.98 -0.78 -9.72
C TYR A 30 5.51 -0.65 -10.09
N TYR A 31 4.62 -1.01 -9.17
CA TYR A 31 3.20 -0.99 -9.46
C TYR A 31 2.56 0.38 -9.26
N SER A 32 3.32 1.39 -8.84
CA SER A 32 2.73 2.61 -8.33
C SER A 32 3.30 3.84 -9.02
N SER A 33 2.41 4.73 -9.45
CA SER A 33 2.85 6.01 -9.98
C SER A 33 3.49 6.84 -8.87
N MET A 34 4.51 7.61 -9.22
CA MET A 34 5.25 8.40 -8.26
C MET A 34 5.32 9.84 -8.75
N HIS A 35 5.31 10.78 -7.80
CA HIS A 35 5.08 12.17 -8.12
C HIS A 35 5.87 13.05 -7.19
N TRP A 36 6.32 14.19 -7.71
CA TRP A 36 6.92 15.22 -6.90
C TRP A 36 6.05 16.47 -6.94
N VAL A 37 5.81 17.05 -5.77
CA VAL A 37 4.96 18.22 -5.60
C VAL A 37 5.69 19.16 -4.65
N ARG A 38 5.71 20.46 -4.95
CA ARG A 38 6.50 21.38 -4.13
C ARG A 38 5.64 22.52 -3.63
N GLN A 39 6.12 23.12 -2.54
CA GLN A 39 5.44 24.22 -1.85
C GLN A 39 6.48 25.26 -1.48
N ALA A 40 6.56 26.33 -2.27
CA ALA A 40 7.36 27.46 -1.86
C ALA A 40 6.74 28.05 -0.60
N PRO A 41 7.55 28.75 0.21
CA PRO A 41 7.03 29.26 1.49
C PRO A 41 5.92 30.26 1.27
N GLY A 42 4.85 30.11 2.06
CA GLY A 42 3.68 30.97 1.97
C GLY A 42 2.74 30.66 0.83
N LYS A 43 3.04 29.67 0.00
CA LYS A 43 2.30 29.46 -1.23
C LYS A 43 1.63 28.08 -1.20
N GLY A 44 1.03 27.71 -2.32
CA GLY A 44 0.28 26.47 -2.41
C GLY A 44 1.08 25.31 -2.96
N LEU A 45 0.39 24.19 -3.14
CA LEU A 45 0.98 23.01 -3.76
C LEU A 45 1.10 23.21 -5.25
N GLU A 46 2.22 22.81 -5.82
CA GLU A 46 2.42 22.84 -7.26
C GLU A 46 2.99 21.49 -7.70
N TRP A 47 2.35 20.86 -8.68
CA TRP A 47 2.86 19.58 -9.17
C TRP A 47 4.14 19.81 -9.97
N VAL A 48 5.14 18.96 -9.75
CA VAL A 48 6.42 19.07 -10.42
C VAL A 48 6.56 18.02 -11.51
N ALA A 49 6.41 16.75 -11.15
CA ALA A 49 6.74 15.69 -12.09
C ALA A 49 6.07 14.42 -11.62
N SER A 50 5.80 13.54 -12.59
CA SER A 50 5.16 12.26 -12.38
C SER A 50 5.87 11.19 -13.20
N ILE A 51 5.94 9.99 -12.66
CA ILE A 51 6.38 8.81 -13.39
C ILE A 51 5.33 7.70 -13.24
N SER A 52 4.95 7.09 -14.34
CA SER A 52 3.89 6.10 -14.31
C SER A 52 4.39 4.75 -13.81
N SER A 53 3.46 3.95 -13.32
CA SER A 53 3.75 2.57 -12.97
C SER A 53 4.22 1.79 -14.19
N TYR A 54 4.89 0.65 -13.92
CA TYR A 54 5.27 -0.36 -14.92
C TYR A 54 6.31 0.14 -15.92
N TYR A 55 5.88 0.94 -16.89
CA TYR A 55 6.77 1.43 -17.93
C TYR A 55 7.57 2.64 -17.46
N GLY A 56 6.96 3.49 -16.65
CA GLY A 56 7.62 4.72 -16.22
C GLY A 56 7.73 5.80 -17.29
N TYR A 57 6.66 6.03 -18.05
CA TYR A 57 6.58 7.28 -18.79
C TYR A 57 6.63 8.43 -17.80
N THR A 58 7.22 9.53 -18.24
CA THR A 58 7.47 10.68 -17.39
C THR A 58 6.69 11.89 -17.88
N TYR A 59 6.30 12.75 -16.91
CA TYR A 59 5.55 13.96 -17.19
C TYR A 59 6.06 15.07 -16.30
N TYR A 60 6.11 16.29 -16.85
CA TYR A 60 6.70 17.42 -16.17
C TYR A 60 5.87 18.68 -16.35
N ALA A 61 5.76 19.46 -15.27
CA ALA A 61 5.25 20.81 -15.38
C ALA A 61 6.13 21.65 -16.29
N ASP A 62 5.49 22.60 -16.98
CA ASP A 62 6.22 23.50 -17.88
C ASP A 62 7.34 24.22 -17.15
N SER A 63 7.12 24.56 -15.88
CA SER A 63 8.10 25.35 -15.14
C SER A 63 9.41 24.58 -14.94
N VAL A 64 9.37 23.25 -14.99
CA VAL A 64 10.55 22.43 -14.73
C VAL A 64 10.97 21.61 -15.94
N LYS A 65 10.24 21.72 -17.06
CA LYS A 65 10.57 20.95 -18.24
C LYS A 65 11.94 21.33 -18.80
N GLY A 66 12.72 20.32 -19.17
CA GLY A 66 14.07 20.51 -19.66
C GLY A 66 15.11 20.71 -18.58
N ARG A 67 14.70 20.71 -17.32
CA ARG A 67 15.57 20.98 -16.17
C ARG A 67 15.57 19.89 -15.12
N PHE A 68 14.43 19.26 -14.85
CA PHE A 68 14.33 18.19 -13.86
C PHE A 68 14.14 16.86 -14.57
N THR A 69 14.50 15.79 -13.88
CA THR A 69 14.32 14.43 -14.39
C THR A 69 13.82 13.54 -13.27
N ILE A 70 12.61 13.00 -13.44
CA ILE A 70 12.01 12.05 -12.51
C ILE A 70 12.39 10.65 -12.97
N SER A 71 12.65 9.76 -12.03
CA SER A 71 13.07 8.40 -12.35
C SER A 71 12.78 7.52 -11.14
N ALA A 72 12.96 6.21 -11.33
CA ALA A 72 12.71 5.21 -10.30
C ALA A 72 13.70 4.07 -10.43
N ASP A 73 14.27 3.64 -9.30
CA ASP A 73 15.08 2.43 -9.25
C ASP A 73 14.29 1.37 -8.49
N THR A 74 13.69 0.44 -9.23
CA THR A 74 12.91 -0.62 -8.61
C THR A 74 13.76 -1.50 -7.70
N SER A 75 15.00 -1.81 -8.14
CA SER A 75 15.90 -2.62 -7.33
C SER A 75 16.23 -1.97 -5.98
N LYS A 76 16.09 -0.65 -5.86
CA LYS A 76 16.19 0.01 -4.57
C LYS A 76 14.83 0.46 -4.05
N ASN A 77 13.74 0.19 -4.77
CA ASN A 77 12.40 0.61 -4.39
C ASN A 77 12.38 2.10 -4.02
N THR A 78 12.95 2.90 -4.91
CA THR A 78 13.22 4.31 -4.65
C THR A 78 13.03 5.13 -5.92
N ALA A 79 12.41 6.31 -5.76
CA ALA A 79 12.21 7.25 -6.85
C ALA A 79 13.07 8.49 -6.64
N TYR A 80 13.43 9.12 -7.74
CA TYR A 80 14.36 10.25 -7.68
C TYR A 80 13.78 11.43 -8.43
N LEU A 81 14.20 12.62 -7.99
CA LEU A 81 14.05 13.85 -8.76
C LEU A 81 15.45 14.47 -8.92
N GLN A 82 15.95 14.45 -10.16
CA GLN A 82 17.24 15.04 -10.50
C GLN A 82 16.98 16.47 -10.94
N MET A 83 17.47 17.42 -10.17
CA MET A 83 17.18 18.84 -10.41
C MET A 83 18.44 19.54 -10.93
N ASN A 84 18.52 19.70 -12.24
CA ASN A 84 19.59 20.47 -12.86
C ASN A 84 19.10 21.89 -13.19
N SER A 85 20.07 22.75 -13.50
CA SER A 85 19.82 24.13 -13.89
C SER A 85 18.86 24.81 -12.92
N LEU A 86 19.13 24.64 -11.64
CA LEU A 86 18.21 25.09 -10.62
C LEU A 86 18.13 26.62 -10.59
N ARG A 87 17.03 27.12 -10.07
CA ARG A 87 16.77 28.55 -10.13
C ARG A 87 16.26 28.99 -8.77
N ALA A 88 16.46 30.28 -8.46
CA ALA A 88 16.07 30.80 -7.16
C ALA A 88 14.61 30.55 -6.87
N GLU A 89 13.77 30.56 -7.88
CA GLU A 89 12.31 30.34 -7.71
C GLU A 89 12.02 28.85 -7.43
N ASP A 90 12.97 27.96 -7.67
CA ASP A 90 12.76 26.56 -7.29
C ASP A 90 12.82 26.36 -5.79
N THR A 91 13.29 27.34 -5.03
CA THR A 91 13.35 27.26 -3.57
C THR A 91 11.99 26.87 -2.99
N ALA A 92 11.94 25.71 -2.34
CA ALA A 92 10.68 25.10 -1.97
C ALA A 92 10.93 23.88 -1.09
N VAL A 93 9.89 23.53 -0.32
CA VAL A 93 9.78 22.19 0.23
C VAL A 93 9.26 21.28 -0.87
N TYR A 94 10.02 20.22 -1.18
CA TYR A 94 9.61 19.23 -2.17
C TYR A 94 9.06 18.01 -1.46
N TYR A 95 7.92 17.53 -1.92
CA TYR A 95 7.30 16.33 -1.39
C TYR A 95 7.26 15.29 -2.49
N CYS A 96 7.47 14.03 -2.12
CA CYS A 96 7.12 12.95 -3.01
C CYS A 96 5.84 12.28 -2.51
N ALA A 97 5.08 11.74 -3.46
CA ALA A 97 3.78 11.18 -3.13
C ALA A 97 3.50 10.03 -4.09
N ARG A 98 2.61 9.14 -3.63
CA ARG A 98 2.25 7.91 -4.31
C ARG A 98 0.86 8.07 -4.90
N TYR A 99 0.65 7.55 -6.12
CA TYR A 99 -0.65 7.47 -6.77
C TYR A 99 -1.13 8.85 -7.23
N TYR A 100 -1.93 8.87 -8.30
CA TYR A 100 -2.40 10.14 -8.85
C TYR A 100 -3.31 10.87 -7.87
N ALA A 101 -4.15 10.14 -7.15
CA ALA A 101 -4.80 10.68 -5.96
C ALA A 101 -3.89 10.30 -4.80
N MET A 102 -3.13 11.28 -4.31
CA MET A 102 -1.90 11.02 -3.55
C MET A 102 -2.24 10.62 -2.12
N ASP A 103 -2.20 9.32 -1.84
CA ASP A 103 -2.64 8.87 -0.51
C ASP A 103 -1.52 8.83 0.51
N TYR A 104 -0.27 8.71 0.09
CA TYR A 104 0.85 8.66 1.01
C TYR A 104 1.91 9.64 0.52
N TRP A 105 2.42 10.46 1.44
CA TRP A 105 3.38 11.51 1.12
C TRP A 105 4.66 11.32 1.93
N GLY A 106 5.79 11.67 1.32
CA GLY A 106 7.01 11.80 2.07
C GLY A 106 6.93 12.96 3.04
N GLN A 107 7.97 13.09 3.85
CA GLN A 107 7.93 14.10 4.92
C GLN A 107 8.30 15.49 4.41
N GLY A 108 8.76 15.62 3.18
CA GLY A 108 9.18 16.91 2.66
C GLY A 108 10.61 17.29 3.03
N THR A 109 11.35 17.81 2.07
CA THR A 109 12.71 18.29 2.30
C THR A 109 12.90 19.65 1.66
N LEU A 110 13.65 20.52 2.34
CA LEU A 110 13.83 21.90 1.90
C LEU A 110 14.92 22.00 0.86
N VAL A 111 14.60 22.63 -0.26
CA VAL A 111 15.55 22.96 -1.31
C VAL A 111 15.69 24.47 -1.34
N THR A 112 16.92 24.97 -1.15
CA THR A 112 17.24 26.38 -1.28
C THR A 112 18.22 26.59 -2.43
N VAL A 113 17.88 27.51 -3.34
CA VAL A 113 18.74 27.85 -4.46
C VAL A 113 19.05 29.35 -4.37
N SER A 114 20.32 29.67 -4.12
CA SER A 114 20.75 31.05 -3.92
C SER A 114 22.27 31.07 -3.97
N SER A 115 22.82 32.24 -4.28
CA SER A 115 24.27 32.40 -4.25
C SER A 115 24.77 32.84 -2.90
N ALA A 116 23.88 32.99 -1.91
CA ALA A 116 24.33 33.46 -0.62
C ALA A 116 25.12 32.36 0.09
N SER A 117 25.99 32.76 0.99
CA SER A 117 26.83 31.82 1.69
C SER A 117 26.19 31.48 3.03
N THR A 118 26.29 30.21 3.39
CA THR A 118 25.82 29.76 4.70
C THR A 118 26.48 30.53 5.83
N LYS A 119 25.67 31.04 6.76
CA LYS A 119 26.19 31.73 7.93
C LYS A 119 25.10 31.73 9.01
N GLY A 120 25.54 31.70 10.27
CA GLY A 120 24.65 31.68 11.39
C GLY A 120 24.08 33.06 11.70
N PRO A 121 23.08 33.14 12.57
CA PRO A 121 22.42 34.42 12.82
C PRO A 121 23.19 35.32 13.78
N SER A 122 23.02 36.61 13.60
CA SER A 122 23.26 37.53 14.71
C SER A 122 21.92 37.67 15.42
N VAL A 123 21.93 37.58 16.74
CA VAL A 123 20.73 37.72 17.54
C VAL A 123 20.84 39.00 18.36
N PHE A 124 19.97 39.95 18.07
CA PHE A 124 19.92 41.24 18.75
C PHE A 124 18.74 41.28 19.71
N PRO A 125 18.88 41.92 20.87
CA PRO A 125 17.74 41.99 21.79
C PRO A 125 16.70 42.99 21.31
N LEU A 126 15.44 42.66 21.56
CA LEU A 126 14.35 43.64 21.46
C LEU A 126 13.99 43.88 22.91
N ALA A 127 14.68 44.84 23.51
CA ALA A 127 14.66 45.01 24.95
C ALA A 127 13.31 45.62 25.35
N PRO A 128 12.69 45.11 26.42
CA PRO A 128 11.50 45.77 26.94
C PRO A 128 11.88 47.05 27.66
N SER A 129 11.01 48.04 27.57
CA SER A 129 11.15 49.21 28.43
C SER A 129 10.84 48.81 29.86
N SER A 130 11.51 49.44 30.82
CA SER A 130 11.25 49.10 32.22
C SER A 130 9.98 49.76 32.76
N LYS A 131 9.64 50.94 32.26
CA LYS A 131 8.32 51.53 32.51
C LYS A 131 7.42 51.15 31.34
N SER A 132 6.35 50.40 31.62
CA SER A 132 5.48 49.97 30.53
C SER A 132 4.55 51.11 30.14
N THR A 133 4.27 51.19 28.85
CA THR A 133 3.29 52.11 28.29
C THR A 133 2.12 51.34 27.68
N SER A 134 1.87 50.13 28.18
CA SER A 134 0.95 49.15 27.59
C SER A 134 0.11 48.51 28.68
N GLY A 135 -0.38 49.30 29.62
CA GLY A 135 -0.91 48.66 30.80
C GLY A 135 0.26 48.02 31.52
N GLY A 136 -0.04 47.01 32.31
CA GLY A 136 1.06 46.35 33.00
C GLY A 136 1.81 45.30 32.20
N THR A 137 1.83 45.41 30.87
CA THR A 137 2.40 44.38 30.01
C THR A 137 3.72 44.84 29.38
N ALA A 138 4.66 43.90 29.21
CA ALA A 138 5.91 44.20 28.52
C ALA A 138 6.10 43.22 27.37
N ALA A 139 6.51 43.72 26.22
CA ALA A 139 6.88 42.90 25.09
C ALA A 139 8.40 42.85 25.01
N LEU A 140 8.95 41.66 24.84
CA LEU A 140 10.38 41.55 24.66
C LEU A 140 10.63 40.52 23.57
N GLY A 141 11.85 40.49 23.06
CA GLY A 141 12.10 39.60 21.95
C GLY A 141 13.55 39.52 21.56
N CYS A 142 13.79 38.72 20.53
CA CYS A 142 15.07 38.60 19.85
C CYS A 142 14.85 38.81 18.37
N LEU A 143 15.67 39.68 17.79
CA LEU A 143 15.75 39.88 16.35
C LEU A 143 16.82 38.95 15.80
N VAL A 144 16.43 37.95 15.02
CA VAL A 144 17.33 36.90 14.55
C VAL A 144 17.72 37.23 13.11
N LYS A 145 18.92 37.79 12.92
CA LYS A 145 19.22 38.55 11.72
C LYS A 145 20.37 37.97 10.88
N ASP A 146 20.17 37.99 9.56
CA ASP A 146 21.23 37.72 8.59
C ASP A 146 21.76 36.30 8.70
N TYR A 147 20.85 35.34 8.77
CA TYR A 147 21.26 33.97 8.68
C TYR A 147 20.88 33.39 7.32
N PHE A 148 21.50 32.26 6.99
CA PHE A 148 21.25 31.61 5.70
C PHE A 148 21.87 30.21 5.76
N PRO A 149 21.18 29.18 5.25
CA PRO A 149 19.79 29.31 4.77
C PRO A 149 18.77 29.01 5.88
N GLU A 150 17.50 28.91 5.50
CA GLU A 150 16.48 28.41 6.40
C GLU A 150 16.83 26.95 6.76
N PRO A 151 16.37 26.46 7.92
CA PRO A 151 15.52 27.09 8.94
C PRO A 151 16.29 27.36 10.24
N VAL A 152 15.70 28.11 11.15
CA VAL A 152 16.12 28.14 12.54
C VAL A 152 14.91 27.74 13.39
N THR A 153 15.21 27.21 14.56
CA THR A 153 14.20 27.07 15.59
C THR A 153 14.54 28.02 16.74
N VAL A 154 13.51 28.48 17.41
CA VAL A 154 13.63 29.43 18.51
C VAL A 154 12.87 28.87 19.70
N SER A 155 13.47 28.97 20.88
CA SER A 155 12.79 28.69 22.12
C SER A 155 13.16 29.79 23.09
N TRP A 156 12.41 29.89 24.17
CA TRP A 156 12.74 30.81 25.25
C TRP A 156 12.98 30.01 26.52
N ASN A 157 14.04 30.40 27.24
CA ASN A 157 14.41 29.79 28.50
C ASN A 157 14.54 28.27 28.36
N SER A 158 15.12 27.83 27.24
CA SER A 158 15.40 26.41 26.97
C SER A 158 14.13 25.57 27.00
N GLY A 159 13.04 26.12 26.50
CA GLY A 159 11.76 25.44 26.49
C GLY A 159 10.88 25.74 27.68
N ALA A 160 11.36 26.50 28.67
CA ALA A 160 10.57 26.78 29.86
C ALA A 160 9.53 27.88 29.68
N LEU A 161 9.62 28.68 28.61
CA LEU A 161 8.69 29.77 28.39
C LEU A 161 8.00 29.55 27.05
N THR A 162 6.68 29.34 27.10
CA THR A 162 5.97 29.13 25.84
C THR A 162 4.73 30.01 25.76
N SER A 163 4.15 30.34 26.92
CA SER A 163 2.97 31.19 26.95
C SER A 163 3.29 32.55 26.38
N GLY A 164 2.47 33.03 25.44
CA GLY A 164 2.63 34.35 24.88
C GLY A 164 3.78 34.51 23.89
N VAL A 165 4.50 33.43 23.54
CA VAL A 165 5.59 33.55 22.57
C VAL A 165 5.02 33.57 21.17
N HIS A 166 5.58 34.42 20.31
CA HIS A 166 5.27 34.42 18.88
C HIS A 166 6.58 34.42 18.14
N THR A 167 6.84 33.36 17.39
CA THR A 167 8.02 33.32 16.55
C THR A 167 7.55 33.46 15.11
N PHE A 168 7.99 34.55 14.49
CA PHE A 168 7.40 34.88 13.21
C PHE A 168 8.09 34.13 12.06
N PRO A 169 7.37 33.89 10.97
CA PRO A 169 8.02 33.41 9.73
C PRO A 169 9.14 34.37 9.32
N ALA A 170 10.22 33.81 8.80
CA ALA A 170 11.34 34.65 8.35
C ALA A 170 11.00 35.36 7.05
N VAL A 171 11.65 36.50 6.85
CA VAL A 171 11.61 37.22 5.59
C VAL A 171 12.96 37.09 4.91
N LEU A 172 12.93 37.09 3.58
CA LEU A 172 14.16 37.11 2.80
C LEU A 172 14.50 38.55 2.50
N GLN A 173 15.64 38.99 3.03
CA GLN A 173 16.12 40.35 2.81
C GLN A 173 16.71 40.51 1.41
N SER A 174 16.81 41.77 0.97
CA SER A 174 17.39 42.01 -0.34
C SER A 174 18.87 41.67 -0.37
N SER A 175 19.47 41.34 0.78
CA SER A 175 20.83 40.83 0.82
C SER A 175 20.93 39.37 0.43
N GLY A 176 19.79 38.68 0.33
CA GLY A 176 19.72 37.24 0.19
C GLY A 176 19.80 36.50 1.49
N LEU A 177 19.85 37.21 2.61
CA LEU A 177 19.91 36.62 3.95
C LEU A 177 18.54 36.71 4.60
N TYR A 178 18.22 35.72 5.42
CA TYR A 178 16.94 35.66 6.11
C TYR A 178 17.00 36.42 7.42
N SER A 179 15.82 36.83 7.87
CA SER A 179 15.66 37.46 9.16
C SER A 179 14.31 37.07 9.75
N LEU A 180 14.26 36.88 11.06
CA LEU A 180 13.01 36.69 11.77
C LEU A 180 13.09 37.36 13.12
N SER A 181 11.93 37.53 13.75
CA SER A 181 11.86 37.96 15.12
C SER A 181 11.00 37.00 15.93
N SER A 182 11.34 36.92 17.21
CA SER A 182 10.64 36.12 18.18
C SER A 182 10.40 37.01 19.38
N VAL A 183 9.14 37.12 19.80
CA VAL A 183 8.71 38.01 20.87
C VAL A 183 7.89 37.22 21.87
N VAL A 184 7.87 37.70 23.11
CA VAL A 184 7.00 37.18 24.15
C VAL A 184 6.46 38.40 24.90
N THR A 185 5.26 38.30 25.42
CA THR A 185 4.77 39.32 26.34
C THR A 185 4.69 38.72 27.73
N VAL A 186 5.03 39.52 28.73
CA VAL A 186 5.20 39.05 30.10
C VAL A 186 4.62 40.14 31.00
N PRO A 187 4.41 39.92 32.30
CA PRO A 187 4.04 41.03 33.17
C PRO A 187 5.22 41.99 33.33
N SER A 188 4.92 43.29 33.31
CA SER A 188 5.96 44.31 33.49
C SER A 188 6.73 44.11 34.79
N SER A 189 6.04 43.71 35.84
CA SER A 189 6.69 43.60 37.15
C SER A 189 7.74 42.50 37.17
N SER A 190 7.61 41.48 36.33
CA SER A 190 8.57 40.38 36.30
C SER A 190 9.90 40.77 35.65
N LEU A 191 9.99 41.97 35.07
CA LEU A 191 11.21 42.37 34.37
C LEU A 191 12.41 42.42 35.32
N GLY A 192 12.18 42.83 36.57
CA GLY A 192 13.28 43.00 37.51
C GLY A 192 13.77 41.72 38.18
N THR A 193 13.11 40.59 37.98
CA THR A 193 13.47 39.38 38.70
C THR A 193 13.53 38.11 37.84
N GLN A 194 12.90 38.07 36.68
CA GLN A 194 12.91 36.88 35.84
C GLN A 194 13.84 37.10 34.66
N THR A 195 14.68 36.11 34.36
CA THR A 195 15.57 36.22 33.21
C THR A 195 14.93 35.64 31.95
N TYR A 196 15.12 36.32 30.83
CA TYR A 196 14.56 35.92 29.56
C TYR A 196 15.70 35.73 28.56
N ILE A 197 15.85 34.50 28.10
CA ILE A 197 16.88 34.14 27.13
C ILE A 197 16.20 33.46 25.96
N CYS A 198 16.45 33.97 24.75
CA CYS A 198 16.03 33.27 23.55
C CYS A 198 17.16 32.34 23.07
N ASN A 199 16.77 31.15 22.65
CA ASN A 199 17.68 30.14 22.16
C ASN A 199 17.41 29.95 20.67
N VAL A 200 18.43 30.19 19.83
CA VAL A 200 18.27 30.15 18.39
C VAL A 200 19.19 29.08 17.83
N ASN A 201 18.62 27.96 17.37
CA ASN A 201 19.37 26.88 16.74
C ASN A 201 19.33 27.04 15.22
N HIS A 202 20.50 27.04 14.60
CA HIS A 202 20.62 27.09 13.14
C HIS A 202 21.45 25.88 12.66
N LYS A 203 20.76 24.75 12.49
CA LYS A 203 21.44 23.53 12.06
C LYS A 203 22.27 23.68 10.79
N PRO A 204 21.83 24.35 9.73
CA PRO A 204 22.62 24.38 8.49
C PRO A 204 24.02 24.98 8.65
N SER A 205 24.26 25.82 9.66
CA SER A 205 25.59 26.34 9.91
C SER A 205 26.19 25.77 11.19
N ASN A 206 25.51 24.80 11.80
CA ASN A 206 25.88 24.22 13.09
C ASN A 206 26.03 25.28 14.18
N THR A 207 25.20 26.33 14.17
CA THR A 207 25.33 27.42 15.13
C THR A 207 24.08 27.57 15.96
N LYS A 208 24.27 27.66 17.28
CA LYS A 208 23.22 28.04 18.20
C LYS A 208 23.63 29.33 18.90
N VAL A 209 22.68 30.25 19.05
CA VAL A 209 22.93 31.50 19.75
C VAL A 209 21.91 31.64 20.87
N ASP A 210 22.39 31.90 22.08
CA ASP A 210 21.57 32.28 23.21
C ASP A 210 21.84 33.74 23.50
N LYS A 211 20.76 34.50 23.68
CA LYS A 211 20.81 35.93 23.91
C LYS A 211 19.96 36.25 25.12
N LYS A 212 20.59 36.75 26.18
CA LYS A 212 19.81 37.19 27.33
C LYS A 212 19.31 38.60 27.04
N VAL A 213 18.01 38.79 27.17
CA VAL A 213 17.36 40.06 26.82
C VAL A 213 16.96 40.76 28.10
N GLU A 214 17.67 41.81 28.43
CA GLU A 214 17.55 42.62 29.62
C GLU A 214 16.78 43.91 29.31
N PRO A 215 16.06 44.43 30.30
CA PRO A 215 15.29 45.64 30.06
C PRO A 215 16.20 46.83 29.75
N LYS A 216 15.68 47.74 28.93
CA LYS A 216 16.43 48.92 28.48
C LYS A 216 16.93 49.77 29.63
N ASP B 1 -5.23 23.99 -21.20
CA ASP B 1 -4.61 23.74 -19.90
C ASP B 1 -5.66 23.77 -18.78
N ILE B 2 -5.60 22.81 -17.88
CA ILE B 2 -6.66 22.64 -16.89
C ILE B 2 -6.35 23.48 -15.65
N GLN B 3 -7.28 24.37 -15.31
CA GLN B 3 -7.19 25.18 -14.10
C GLN B 3 -8.26 24.73 -13.12
N MET B 4 -7.86 24.55 -11.87
CA MET B 4 -8.77 24.28 -10.76
C MET B 4 -8.90 25.58 -9.98
N THR B 5 -10.04 26.25 -10.13
CA THR B 5 -10.31 27.55 -9.51
C THR B 5 -11.06 27.32 -8.21
N GLN B 6 -10.45 27.65 -7.08
CA GLN B 6 -10.99 27.35 -5.77
C GLN B 6 -11.64 28.59 -5.18
N SER B 7 -12.87 28.46 -4.68
CA SER B 7 -13.55 29.49 -3.91
C SER B 7 -13.99 28.90 -2.56
N PRO B 8 -13.96 29.69 -1.48
CA PRO B 8 -13.33 31.00 -1.37
C PRO B 8 -11.84 30.84 -1.10
N SER B 9 -11.08 31.94 -1.13
CA SER B 9 -9.67 31.88 -0.78
C SER B 9 -9.46 31.54 0.69
N SER B 10 -10.29 32.11 1.56
CA SER B 10 -10.33 31.72 2.96
C SER B 10 -11.77 31.88 3.43
N LEU B 11 -12.08 31.26 4.56
CA LEU B 11 -13.35 31.52 5.22
C LEU B 11 -13.16 31.46 6.72
N SER B 12 -14.04 32.14 7.43
CA SER B 12 -14.14 32.09 8.88
C SER B 12 -15.32 31.23 9.25
N ALA B 13 -15.11 30.26 10.15
CA ALA B 13 -16.20 29.41 10.59
C ALA B 13 -16.02 29.11 12.07
N SER B 14 -17.09 28.60 12.68
CA SER B 14 -17.05 28.12 14.04
C SER B 14 -17.24 26.60 14.08
N VAL B 15 -16.81 26.00 15.18
CA VAL B 15 -17.02 24.58 15.40
C VAL B 15 -18.51 24.30 15.34
N GLY B 16 -18.89 23.30 14.56
CA GLY B 16 -20.27 22.94 14.32
C GLY B 16 -20.85 23.48 13.04
N ASP B 17 -20.14 24.38 12.37
CA ASP B 17 -20.69 24.99 11.16
C ASP B 17 -20.57 24.03 9.98
N ARG B 18 -21.38 24.31 8.95
CA ARG B 18 -21.34 23.57 7.70
C ARG B 18 -20.52 24.39 6.72
N VAL B 19 -19.44 23.80 6.23
CA VAL B 19 -18.47 24.50 5.40
C VAL B 19 -18.47 23.87 4.01
N THR B 20 -18.66 24.69 3.00
CA THR B 20 -18.67 24.28 1.61
C THR B 20 -17.53 24.99 0.90
N ILE B 21 -16.67 24.22 0.24
CA ILE B 21 -15.58 24.76 -0.55
C ILE B 21 -15.77 24.29 -1.98
N THR B 22 -15.79 25.24 -2.91
CA THR B 22 -16.02 24.93 -4.32
C THR B 22 -14.71 24.97 -5.09
N CYS B 23 -14.60 24.07 -6.06
CA CYS B 23 -13.50 24.08 -7.01
C CYS B 23 -14.07 23.87 -8.40
N ARG B 24 -13.64 24.68 -9.35
CA ARG B 24 -14.17 24.67 -10.71
C ARG B 24 -13.05 24.39 -11.70
N ALA B 25 -13.20 23.31 -12.46
CA ALA B 25 -12.22 22.98 -13.48
C ALA B 25 -12.47 23.78 -14.75
N SER B 26 -11.39 24.24 -15.39
CA SER B 26 -11.49 25.02 -16.62
C SER B 26 -12.10 24.23 -17.76
N GLN B 27 -12.13 22.91 -17.67
CA GLN B 27 -12.91 22.07 -18.58
C GLN B 27 -13.07 20.72 -17.91
N SER B 28 -13.70 19.78 -18.62
CA SER B 28 -14.09 18.53 -18.00
C SER B 28 -12.88 17.70 -17.58
N VAL B 29 -12.88 17.26 -16.33
CA VAL B 29 -11.87 16.36 -15.80
C VAL B 29 -12.49 15.03 -15.36
N SER B 30 -13.66 14.68 -15.93
CA SER B 30 -14.45 13.54 -15.47
C SER B 30 -14.63 13.65 -13.96
N SER B 31 -14.48 12.55 -13.24
CA SER B 31 -14.50 12.60 -11.79
C SER B 31 -13.11 12.47 -11.17
N ALA B 32 -12.05 12.68 -11.96
CA ALA B 32 -10.67 12.50 -11.49
C ALA B 32 -10.25 13.74 -10.69
N VAL B 33 -10.88 13.90 -9.54
CA VAL B 33 -10.61 15.03 -8.67
C VAL B 33 -10.40 14.51 -7.26
N ALA B 34 -9.38 15.04 -6.58
CA ALA B 34 -9.05 14.72 -5.21
C ALA B 34 -9.08 15.99 -4.35
N TRP B 35 -9.27 15.78 -3.04
CA TRP B 35 -9.32 16.85 -2.05
C TRP B 35 -8.36 16.52 -0.91
N TYR B 36 -7.57 17.52 -0.51
CA TYR B 36 -6.53 17.37 0.48
C TYR B 36 -6.71 18.37 1.62
N GLN B 37 -6.30 17.96 2.81
CA GLN B 37 -6.16 18.85 3.94
C GLN B 37 -4.69 19.03 4.27
N GLN B 38 -4.28 20.26 4.55
CA GLN B 38 -2.92 20.51 4.99
C GLN B 38 -2.91 21.47 6.17
N LYS B 39 -2.12 21.13 7.16
CA LYS B 39 -1.82 21.95 8.31
C LYS B 39 -0.37 22.45 8.24
N PRO B 40 -0.09 23.60 8.84
CA PRO B 40 1.25 24.20 8.71
C PRO B 40 2.34 23.25 9.21
N GLY B 41 3.38 23.11 8.41
CA GLY B 41 4.51 22.29 8.79
C GLY B 41 4.35 20.80 8.52
N LYS B 42 3.22 20.38 7.97
CA LYS B 42 2.99 18.97 7.69
C LYS B 42 2.63 18.75 6.22
N ALA B 43 2.91 17.54 5.74
CA ALA B 43 2.54 17.18 4.39
C ALA B 43 1.02 17.12 4.27
N PRO B 44 0.49 17.31 3.07
CA PRO B 44 -0.96 17.22 2.89
C PRO B 44 -1.47 15.81 3.12
N LYS B 45 -2.76 15.73 3.38
CA LYS B 45 -3.43 14.48 3.70
C LYS B 45 -4.63 14.35 2.78
N LEU B 46 -4.73 13.20 2.12
CA LEU B 46 -5.83 12.97 1.17
C LEU B 46 -7.12 12.72 1.93
N LEU B 47 -8.20 13.35 1.48
CA LEU B 47 -9.50 13.14 2.09
C LEU B 47 -10.50 12.47 1.15
N ILE B 48 -10.50 12.87 -0.12
CA ILE B 48 -11.48 12.39 -1.09
C ILE B 48 -10.79 12.13 -2.42
N TYR B 49 -11.15 11.03 -3.06
CA TYR B 49 -10.68 10.72 -4.40
C TYR B 49 -11.87 10.39 -5.28
N SER B 50 -11.66 10.46 -6.60
CA SER B 50 -12.72 10.24 -7.57
C SER B 50 -13.91 11.16 -7.28
N ALA B 51 -13.59 12.31 -6.68
CA ALA B 51 -14.47 13.44 -6.40
C ALA B 51 -15.50 13.20 -5.29
N SER B 52 -15.83 11.94 -4.98
CA SER B 52 -16.87 11.64 -4.00
C SER B 52 -16.50 10.49 -3.06
N SER B 53 -15.36 9.85 -3.25
CA SER B 53 -15.00 8.70 -2.46
C SER B 53 -14.21 9.15 -1.24
N LEU B 54 -14.70 8.77 -0.06
CA LEU B 54 -14.05 9.08 1.20
C LEU B 54 -12.88 8.13 1.44
N TYR B 55 -11.66 8.65 1.45
CA TYR B 55 -10.47 7.80 1.63
C TYR B 55 -10.44 7.18 3.03
N SER B 56 -9.78 6.02 3.12
CA SER B 56 -9.85 5.18 4.32
C SER B 56 -9.32 5.90 5.54
N GLY B 57 -10.11 5.86 6.62
CA GLY B 57 -9.81 6.54 7.85
C GLY B 57 -10.44 7.90 7.99
N VAL B 58 -10.83 8.52 6.89
CA VAL B 58 -11.29 9.92 6.94
C VAL B 58 -12.67 9.97 7.58
N PRO B 59 -12.89 10.81 8.59
CA PRO B 59 -14.20 10.87 9.24
C PRO B 59 -15.29 11.23 8.25
N SER B 60 -16.46 10.61 8.44
CA SER B 60 -17.58 10.72 7.50
C SER B 60 -18.14 12.12 7.38
N ARG B 61 -17.78 13.04 8.28
CA ARG B 61 -18.25 14.41 8.13
C ARG B 61 -17.72 15.08 6.87
N PHE B 62 -16.75 14.50 6.19
CA PHE B 62 -16.28 15.05 4.93
C PHE B 62 -17.01 14.36 3.78
N SER B 63 -17.44 15.15 2.80
CA SER B 63 -18.11 14.57 1.65
C SER B 63 -17.73 15.40 0.43
N GLY B 64 -17.53 14.72 -0.68
CA GLY B 64 -17.21 15.37 -1.95
C GLY B 64 -18.31 15.10 -2.95
N SER B 65 -18.50 16.04 -3.87
CA SER B 65 -19.53 15.85 -4.89
C SER B 65 -19.13 16.59 -6.15
N ARG B 66 -19.75 16.22 -7.26
CA ARG B 66 -19.49 16.80 -8.57
C ARG B 66 -20.79 17.10 -9.30
N SER B 67 -20.84 18.27 -9.94
CA SER B 67 -21.86 18.62 -10.92
C SER B 67 -21.14 19.17 -12.13
N GLY B 68 -20.94 18.33 -13.14
CA GLY B 68 -20.21 18.73 -14.33
C GLY B 68 -18.77 19.11 -14.02
N THR B 69 -18.42 20.38 -14.23
CA THR B 69 -17.10 20.90 -13.91
C THR B 69 -17.01 21.46 -12.49
N ASP B 70 -18.11 21.47 -11.75
CA ASP B 70 -18.13 21.98 -10.38
C ASP B 70 -17.82 20.85 -9.42
N PHE B 71 -16.85 21.07 -8.54
CA PHE B 71 -16.53 20.14 -7.48
C PHE B 71 -16.60 20.88 -6.17
N THR B 72 -17.33 20.31 -5.20
N THR B 72 -17.31 20.32 -5.20
CA THR B 72 -17.49 20.93 -3.90
CA THR B 72 -17.46 20.98 -3.91
C THR B 72 -17.09 19.97 -2.81
C THR B 72 -17.15 20.00 -2.79
N LEU B 73 -16.35 20.48 -1.82
CA LEU B 73 -16.05 19.74 -0.61
C LEU B 73 -16.91 20.29 0.51
N THR B 74 -17.63 19.40 1.17
CA THR B 74 -18.51 19.79 2.27
C THR B 74 -18.02 19.16 3.55
N ILE B 75 -18.00 19.96 4.62
CA ILE B 75 -17.81 19.48 5.98
C ILE B 75 -19.12 19.76 6.71
N SER B 76 -19.88 18.72 7.02
CA SER B 76 -21.21 18.96 7.57
C SER B 76 -21.15 19.64 8.94
N SER B 77 -20.17 19.30 9.78
CA SER B 77 -20.13 19.88 11.13
C SER B 77 -18.66 20.06 11.52
N LEU B 78 -18.15 21.28 11.38
CA LEU B 78 -16.73 21.55 11.56
C LEU B 78 -16.27 21.19 12.98
N GLN B 79 -15.20 20.40 13.05
CA GLN B 79 -14.56 19.99 14.30
C GLN B 79 -13.30 20.81 14.54
N PRO B 80 -12.81 20.87 15.78
CA PRO B 80 -11.63 21.71 16.06
C PRO B 80 -10.41 21.31 15.28
N GLU B 81 -10.26 20.04 14.94
CA GLU B 81 -9.13 19.57 14.14
C GLU B 81 -9.32 19.86 12.64
N ASP B 82 -10.48 20.37 12.24
CA ASP B 82 -10.71 20.62 10.82
C ASP B 82 -10.18 21.96 10.35
N PHE B 83 -9.83 22.85 11.25
CA PHE B 83 -9.28 24.14 10.82
C PHE B 83 -7.91 23.93 10.22
N ALA B 84 -7.78 24.27 8.94
CA ALA B 84 -6.64 23.89 8.12
C ALA B 84 -6.85 24.50 6.75
N THR B 85 -5.95 24.18 5.83
CA THR B 85 -6.07 24.53 4.43
C THR B 85 -6.47 23.30 3.64
N TYR B 86 -7.33 23.49 2.65
CA TYR B 86 -7.84 22.43 1.81
C TYR B 86 -7.49 22.74 0.36
N TYR B 87 -7.14 21.70 -0.40
CA TYR B 87 -6.82 21.88 -1.81
C TYR B 87 -7.59 20.87 -2.65
N CYS B 88 -8.20 21.36 -3.73
CA CYS B 88 -8.71 20.48 -4.77
C CYS B 88 -7.58 20.13 -5.74
N GLN B 89 -7.73 18.99 -6.40
CA GLN B 89 -6.73 18.58 -7.38
C GLN B 89 -7.42 17.79 -8.48
N GLN B 90 -7.12 18.12 -9.73
CA GLN B 90 -7.52 17.28 -10.84
C GLN B 90 -6.35 16.39 -11.23
N TYR B 91 -6.63 15.16 -11.64
CA TYR B 91 -5.60 14.28 -12.16
C TYR B 91 -6.09 13.56 -13.40
N TYR B 92 -6.87 14.27 -14.23
CA TYR B 92 -7.48 13.65 -15.39
C TYR B 92 -6.44 13.32 -16.46
N GLY B 93 -5.68 14.33 -16.91
CA GLY B 93 -4.62 14.07 -17.92
C GLY B 93 -4.85 14.80 -19.23
N TYR B 94 -3.77 15.39 -19.76
CA TYR B 94 -3.77 16.32 -20.92
C TYR B 94 -5.01 16.27 -21.82
N TYR B 97 -1.67 19.80 -18.38
CA TYR B 97 -1.02 19.05 -17.32
C TYR B 97 -1.89 17.90 -16.83
N PRO B 98 -1.29 16.73 -16.61
CA PRO B 98 -2.05 15.63 -16.01
C PRO B 98 -2.46 15.89 -14.59
N ILE B 99 -1.84 16.85 -13.90
CA ILE B 99 -2.12 17.16 -12.50
C ILE B 99 -2.09 18.67 -12.32
N THR B 100 -3.12 19.20 -11.66
CA THR B 100 -3.26 20.63 -11.40
C THR B 100 -3.91 20.77 -10.04
N PHE B 101 -3.27 21.49 -9.13
CA PHE B 101 -3.82 21.75 -7.81
C PHE B 101 -4.59 23.08 -7.82
N GLY B 102 -5.69 23.11 -7.09
CA GLY B 102 -6.30 24.39 -6.75
C GLY B 102 -5.37 25.22 -5.89
N GLN B 103 -5.62 26.53 -5.88
CA GLN B 103 -4.78 27.43 -5.10
C GLN B 103 -5.05 27.32 -3.61
N GLY B 104 -6.11 26.67 -3.18
CA GLY B 104 -6.28 26.42 -1.76
C GLY B 104 -7.35 27.30 -1.13
N THR B 105 -7.97 26.77 -0.07
CA THR B 105 -8.87 27.50 0.80
C THR B 105 -8.46 27.25 2.24
N LYS B 106 -8.11 28.31 2.95
CA LYS B 106 -7.78 28.23 4.37
C LYS B 106 -9.05 28.41 5.19
N VAL B 107 -9.27 27.51 6.14
CA VAL B 107 -10.44 27.55 7.01
C VAL B 107 -10.00 28.04 8.38
N GLU B 108 -10.29 29.30 8.67
CA GLU B 108 -9.85 29.96 9.89
C GLU B 108 -10.97 30.01 10.93
N ILE B 109 -10.59 30.02 12.20
CA ILE B 109 -11.54 30.13 13.31
C ILE B 109 -12.14 31.53 13.36
N LYS B 110 -13.44 31.59 13.55
CA LYS B 110 -14.11 32.86 13.75
C LYS B 110 -13.99 33.26 15.21
N ARG B 111 -13.76 34.54 15.45
CA ARG B 111 -13.80 35.08 16.80
C ARG B 111 -14.16 36.57 16.69
N THR B 112 -14.38 37.20 17.83
CA THR B 112 -14.69 38.63 17.85
C THR B 112 -13.45 39.48 17.51
N VAL B 113 -13.71 40.65 16.91
CA VAL B 113 -12.64 41.59 16.59
C VAL B 113 -11.82 41.89 17.84
N ALA B 114 -10.48 41.98 17.68
CA ALA B 114 -9.60 42.27 18.80
C ALA B 114 -8.49 43.21 18.35
N ALA B 115 -8.39 44.36 19.02
CA ALA B 115 -7.37 45.34 18.69
C ALA B 115 -6.00 44.86 19.17
N PRO B 116 -4.96 45.01 18.35
CA PRO B 116 -3.62 44.58 18.78
C PRO B 116 -3.06 45.46 19.88
N SER B 117 -2.24 44.84 20.72
CA SER B 117 -1.24 45.59 21.47
C SER B 117 -0.08 45.89 20.52
N VAL B 118 0.33 47.14 20.43
CA VAL B 118 1.36 47.57 19.49
C VAL B 118 2.56 48.06 20.27
N PHE B 119 3.73 47.49 19.97
CA PHE B 119 4.98 47.89 20.56
C PHE B 119 5.93 48.29 19.45
N ILE B 120 6.81 49.24 19.75
CA ILE B 120 7.85 49.61 18.80
C ILE B 120 9.21 49.42 19.48
N PHE B 121 10.13 48.80 18.77
CA PHE B 121 11.46 48.48 19.32
C PHE B 121 12.55 49.26 18.60
N PRO B 122 13.22 50.20 19.25
CA PRO B 122 14.39 50.83 18.63
C PRO B 122 15.48 49.80 18.41
N PRO B 123 16.41 50.05 17.48
CA PRO B 123 17.53 49.11 17.30
C PRO B 123 18.37 49.05 18.55
N SER B 124 18.93 47.87 18.82
CA SER B 124 19.87 47.77 19.93
C SER B 124 21.17 48.50 19.60
N ASP B 125 21.80 49.06 20.64
CA ASP B 125 23.12 49.64 20.49
C ASP B 125 24.13 48.61 20.02
N GLU B 126 23.92 47.34 20.37
CA GLU B 126 24.75 46.26 19.84
C GLU B 126 24.70 46.23 18.32
N GLN B 127 23.50 46.35 17.75
CA GLN B 127 23.40 46.33 16.29
C GLN B 127 24.00 47.58 15.65
N LEU B 128 23.79 48.75 16.26
CA LEU B 128 24.16 49.98 15.57
C LEU B 128 25.67 50.02 15.31
N LYS B 129 26.45 49.49 16.25
CA LYS B 129 27.91 49.45 16.10
C LYS B 129 28.34 48.94 14.74
N SER B 130 27.59 48.00 14.15
CA SER B 130 27.94 47.45 12.86
C SER B 130 27.26 48.15 11.68
N GLY B 131 26.60 49.29 11.91
CA GLY B 131 26.22 50.19 10.83
C GLY B 131 24.83 50.02 10.25
N THR B 132 23.98 49.15 10.83
CA THR B 132 22.63 48.97 10.35
C THR B 132 21.66 49.14 11.52
N ALA B 133 20.47 49.64 11.21
CA ALA B 133 19.46 49.90 12.21
C ALA B 133 18.18 49.18 11.80
N SER B 134 17.77 48.21 12.60
CA SER B 134 16.48 47.55 12.41
C SER B 134 15.54 48.02 13.51
N VAL B 135 14.46 48.68 13.11
CA VAL B 135 13.38 49.09 14.01
C VAL B 135 12.24 48.09 13.83
N VAL B 136 11.78 47.51 14.93
CA VAL B 136 10.80 46.44 14.86
C VAL B 136 9.48 46.91 15.48
N CYS B 137 8.39 46.64 14.77
CA CYS B 137 7.06 46.93 15.26
C CYS B 137 6.28 45.63 15.48
N LEU B 138 5.67 45.47 16.65
CA LEU B 138 4.96 44.24 16.98
C LEU B 138 3.48 44.53 17.21
N LEU B 139 2.61 43.82 16.48
CA LEU B 139 1.16 43.85 16.65
C LEU B 139 0.75 42.53 17.29
N ASN B 140 0.32 42.59 18.54
CA ASN B 140 0.16 41.42 19.38
C ASN B 140 -1.31 41.03 19.51
N ASN B 141 -1.62 39.78 19.15
CA ASN B 141 -2.90 39.14 19.45
C ASN B 141 -4.09 40.02 19.04
N PHE B 142 -4.24 40.12 17.72
CA PHE B 142 -5.36 40.83 17.12
C PHE B 142 -6.17 39.92 16.18
N TYR B 143 -7.34 40.44 15.79
CA TYR B 143 -8.31 39.83 14.90
C TYR B 143 -9.21 40.94 14.34
N PRO B 144 -9.49 40.95 13.03
CA PRO B 144 -9.06 39.91 12.10
C PRO B 144 -7.63 40.11 11.59
N ARG B 145 -7.25 39.23 10.68
CA ARG B 145 -5.86 39.15 10.22
C ARG B 145 -5.47 40.39 9.42
N GLU B 146 -6.40 40.93 8.65
CA GLU B 146 -6.08 42.01 7.73
C GLU B 146 -5.76 43.29 8.52
N ALA B 147 -4.61 43.87 8.24
CA ALA B 147 -4.21 45.16 8.82
C ALA B 147 -3.14 45.78 7.95
N LYS B 148 -3.06 47.09 7.97
CA LYS B 148 -2.09 47.81 7.16
C LYS B 148 -1.10 48.47 8.11
N VAL B 149 0.20 48.20 7.92
CA VAL B 149 1.26 48.73 8.77
C VAL B 149 2.10 49.67 7.93
N SER B 150 2.32 50.87 8.44
CA SER B 150 3.10 51.90 7.75
C SER B 150 4.13 52.46 8.71
N TRP B 151 5.32 52.69 8.21
CA TRP B 151 6.40 53.26 9.00
C TRP B 151 6.53 54.72 8.66
N TYR B 152 6.72 55.53 9.69
CA TYR B 152 6.90 56.96 9.57
C TYR B 152 8.20 57.33 10.28
N VAL B 153 9.05 58.08 9.60
CA VAL B 153 10.28 58.56 10.20
C VAL B 153 10.24 60.09 10.19
N ASP B 154 10.17 60.69 11.38
CA ASP B 154 9.93 62.13 11.49
C ASP B 154 8.74 62.53 10.61
N ASN B 155 7.66 61.74 10.66
CA ASN B 155 6.39 62.02 9.99
C ASN B 155 6.46 61.84 8.48
N ALA B 156 7.55 61.32 7.94
CA ALA B 156 7.63 60.98 6.54
C ALA B 156 7.37 59.48 6.36
N LEU B 157 6.40 59.15 5.51
CA LEU B 157 6.11 57.77 5.17
C LEU B 157 7.34 57.08 4.56
N GLN B 158 7.65 55.89 5.07
CA GLN B 158 8.76 55.08 4.58
C GLN B 158 8.27 54.12 3.50
N SER B 159 8.98 54.06 2.38
CA SER B 159 8.64 53.18 1.28
C SER B 159 9.83 52.28 0.92
N GLY B 160 9.58 50.97 0.85
CA GLY B 160 10.54 50.04 0.30
C GLY B 160 11.66 49.56 1.22
N ASN B 161 11.63 49.88 2.52
CA ASN B 161 12.68 49.47 3.44
C ASN B 161 12.11 48.72 4.65
N SER B 162 10.97 48.05 4.47
CA SER B 162 10.40 47.31 5.56
C SER B 162 9.82 46.00 5.05
N GLN B 163 9.67 45.07 5.96
CA GLN B 163 9.11 43.76 5.64
C GLN B 163 8.25 43.34 6.81
N GLU B 164 7.17 42.59 6.53
CA GLU B 164 6.25 42.06 7.52
C GLU B 164 6.18 40.54 7.44
N SER B 165 5.70 39.97 8.53
CA SER B 165 5.52 38.54 8.69
C SER B 165 4.40 38.33 9.70
N VAL B 166 3.56 37.30 9.50
CA VAL B 166 2.38 37.04 10.32
C VAL B 166 2.42 35.63 10.86
N THR B 167 2.06 35.47 12.14
CA THR B 167 1.91 34.13 12.71
C THR B 167 0.66 33.42 12.17
N GLU B 168 0.66 32.09 12.32
CA GLU B 168 -0.57 31.34 12.21
C GLU B 168 -1.54 31.74 13.32
N GLN B 169 -2.82 31.56 13.06
CA GLN B 169 -3.82 31.80 14.09
C GLN B 169 -3.48 31.03 15.36
N ASP B 170 -3.54 31.73 16.49
CA ASP B 170 -3.29 31.11 17.78
C ASP B 170 -4.36 30.07 18.09
N SER B 171 -3.91 28.91 18.57
CA SER B 171 -4.83 27.82 18.84
C SER B 171 -5.66 28.04 20.09
N LYS B 172 -5.26 29.00 20.93
CA LYS B 172 -5.93 29.26 22.22
C LYS B 172 -6.93 30.41 22.15
N ASP B 173 -6.54 31.58 21.62
CA ASP B 173 -7.45 32.72 21.54
C ASP B 173 -7.83 33.06 20.09
N SER B 174 -7.39 32.26 19.13
CA SER B 174 -7.70 32.45 17.71
C SER B 174 -7.24 33.82 17.17
N THR B 175 -6.30 34.49 17.84
CA THR B 175 -5.78 35.74 17.30
C THR B 175 -4.60 35.51 16.37
N TYR B 176 -4.18 36.61 15.75
CA TYR B 176 -2.99 36.71 14.92
C TYR B 176 -2.02 37.69 15.55
N SER B 177 -0.77 37.58 15.16
CA SER B 177 0.27 38.53 15.54
C SER B 177 1.07 38.88 14.29
N LEU B 178 1.67 40.06 14.30
CA LEU B 178 2.37 40.55 13.13
C LEU B 178 3.56 41.37 13.58
N SER B 179 4.64 41.24 12.83
CA SER B 179 5.86 42.00 13.05
C SER B 179 6.19 42.72 11.76
N SER B 180 6.65 43.96 11.87
CA SER B 180 7.20 44.67 10.72
C SER B 180 8.57 45.17 11.16
N THR B 181 9.53 45.07 10.26
CA THR B 181 10.88 45.56 10.52
C THR B 181 11.22 46.60 9.48
N LEU B 182 11.71 47.73 9.96
CA LEU B 182 12.17 48.84 9.14
C LEU B 182 13.69 48.83 9.18
N THR B 183 14.32 48.81 8.01
CA THR B 183 15.78 48.68 7.93
C THR B 183 16.36 50.00 7.43
N LEU B 184 17.27 50.57 8.20
CA LEU B 184 17.97 51.79 7.80
C LEU B 184 19.45 51.61 8.08
N SER B 185 20.27 52.35 7.35
CA SER B 185 21.67 52.47 7.72
C SER B 185 21.78 53.21 9.05
N LYS B 186 22.86 52.94 9.78
CA LYS B 186 23.07 53.63 11.04
C LYS B 186 23.11 55.15 10.83
N ALA B 187 23.75 55.60 9.74
CA ALA B 187 23.82 57.05 9.49
C ALA B 187 22.42 57.65 9.34
N ASP B 188 21.55 57.02 8.54
CA ASP B 188 20.18 57.51 8.38
C ASP B 188 19.44 57.48 9.69
N TYR B 189 19.63 56.42 10.50
CA TYR B 189 18.99 56.31 11.80
C TYR B 189 19.33 57.48 12.70
N GLU B 190 20.62 57.86 12.76
CA GLU B 190 21.05 58.91 13.68
C GLU B 190 20.56 60.29 13.30
N LYS B 191 20.19 60.52 12.05
CA LYS B 191 19.79 61.85 11.63
C LYS B 191 18.30 62.10 11.80
N HIS B 192 17.55 61.19 12.39
CA HIS B 192 16.13 61.40 12.61
C HIS B 192 15.78 61.13 14.06
N LYS B 193 14.72 61.77 14.53
CA LYS B 193 14.34 61.64 15.92
C LYS B 193 13.11 60.75 16.13
N VAL B 194 12.00 61.00 15.45
CA VAL B 194 10.75 60.27 15.73
C VAL B 194 10.63 59.03 14.86
N TYR B 195 10.45 57.88 15.51
CA TYR B 195 10.19 56.65 14.78
C TYR B 195 8.80 56.18 15.17
N ALA B 196 7.94 55.95 14.16
CA ALA B 196 6.56 55.59 14.42
C ALA B 196 6.11 54.41 13.55
N CYS B 197 5.35 53.51 14.16
CA CYS B 197 4.69 52.42 13.45
C CYS B 197 3.18 52.68 13.49
N GLU B 198 2.54 52.69 12.32
CA GLU B 198 1.12 52.97 12.21
C GLU B 198 0.35 51.74 11.74
N VAL B 199 -0.60 51.28 12.57
CA VAL B 199 -1.45 50.13 12.32
C VAL B 199 -2.87 50.60 12.01
N THR B 200 -3.39 50.26 10.84
CA THR B 200 -4.77 50.59 10.49
C THR B 200 -5.59 49.32 10.27
N GLN B 201 -6.73 49.27 10.95
CA GLN B 201 -7.77 48.27 10.73
C GLN B 201 -9.12 48.94 10.76
N GLY B 202 -9.89 48.77 9.69
CA GLY B 202 -11.20 49.42 9.59
C GLY B 202 -11.06 50.92 9.68
N THR B 203 -11.86 51.52 10.57
CA THR B 203 -11.91 52.97 10.78
C THR B 203 -11.02 53.45 11.92
N THR B 204 -10.03 52.64 12.34
CA THR B 204 -9.12 53.03 13.41
C THR B 204 -7.66 52.88 12.98
N SER B 205 -6.86 53.92 13.23
CA SER B 205 -5.41 53.88 13.14
C SER B 205 -4.80 54.11 14.52
N VAL B 206 -3.85 53.25 14.89
CA VAL B 206 -3.13 53.33 16.15
C VAL B 206 -1.64 53.43 15.82
N THR B 207 -1.00 54.51 16.27
CA THR B 207 0.42 54.75 16.03
C THR B 207 1.20 54.64 17.34
N LYS B 208 2.17 53.74 17.37
CA LYS B 208 3.16 53.70 18.44
C LYS B 208 4.49 54.27 17.96
N SER B 209 5.11 55.09 18.81
CA SER B 209 6.31 55.80 18.41
C SER B 209 7.34 55.86 19.53
N PHE B 210 8.59 56.18 19.16
CA PHE B 210 9.57 56.55 20.16
C PHE B 210 10.42 57.69 19.60
N ASN B 211 11.11 58.37 20.50
CA ASN B 211 12.03 59.43 20.14
C ASN B 211 13.45 58.92 20.34
N ARG B 212 14.22 58.84 19.26
CA ARG B 212 15.60 58.41 19.39
C ARG B 212 16.31 59.25 20.44
N GLY B 213 16.84 58.57 21.46
CA GLY B 213 17.61 59.18 22.51
C GLY B 213 16.91 59.28 23.84
N GLU B 214 15.58 59.33 23.83
CA GLU B 214 14.82 59.54 25.07
C GLU B 214 14.35 58.19 25.60
N CYS B 215 14.72 57.91 26.85
CA CYS B 215 14.31 56.69 27.56
C CYS B 215 13.51 57.08 28.81
N GLU C 1 -1.77 -6.91 6.42
CA GLU C 1 -1.58 -7.87 5.33
C GLU C 1 -2.61 -7.63 4.21
N VAL C 2 -2.10 -7.60 2.97
CA VAL C 2 -2.97 -7.55 1.81
C VAL C 2 -3.63 -8.92 1.61
N GLN C 3 -4.95 -8.93 1.47
CA GLN C 3 -5.69 -10.17 1.31
C GLN C 3 -6.78 -10.04 0.25
N LEU C 4 -6.94 -11.08 -0.55
CA LEU C 4 -8.10 -11.23 -1.44
C LEU C 4 -8.87 -12.46 -1.00
N VAL C 5 -10.15 -12.27 -0.67
CA VAL C 5 -11.02 -13.35 -0.23
C VAL C 5 -12.14 -13.48 -1.25
N GLU C 6 -12.16 -14.59 -1.99
CA GLU C 6 -13.22 -14.80 -2.96
C GLU C 6 -14.38 -15.59 -2.36
N SER C 7 -15.55 -15.36 -2.93
CA SER C 7 -16.76 -16.10 -2.58
C SER C 7 -17.66 -16.16 -3.80
N GLY C 8 -18.59 -17.12 -3.77
CA GLY C 8 -19.58 -17.23 -4.81
C GLY C 8 -19.40 -18.35 -5.81
N GLY C 9 -18.57 -19.35 -5.52
CA GLY C 9 -18.40 -20.49 -6.41
C GLY C 9 -19.53 -21.49 -6.31
N GLY C 10 -19.22 -22.74 -6.63
CA GLY C 10 -20.17 -23.82 -6.43
C GLY C 10 -20.82 -24.30 -7.72
N LEU C 11 -21.85 -25.12 -7.52
CA LEU C 11 -22.45 -25.86 -8.61
C LEU C 11 -23.52 -25.03 -9.30
N VAL C 12 -23.43 -24.93 -10.62
CA VAL C 12 -24.44 -24.20 -11.40
C VAL C 12 -24.87 -25.04 -12.58
N GLN C 13 -26.16 -24.97 -12.90
CA GLN C 13 -26.71 -25.67 -14.05
C GLN C 13 -26.21 -25.05 -15.36
N PRO C 14 -26.02 -25.87 -16.40
CA PRO C 14 -25.65 -25.31 -17.71
C PRO C 14 -26.67 -24.25 -18.14
N GLY C 15 -26.17 -23.09 -18.54
CA GLY C 15 -27.00 -21.96 -18.90
C GLY C 15 -27.26 -20.96 -17.78
N GLY C 16 -26.96 -21.33 -16.53
CA GLY C 16 -27.22 -20.47 -15.41
C GLY C 16 -26.17 -19.40 -15.20
N SER C 17 -26.32 -18.68 -14.08
CA SER C 17 -25.49 -17.55 -13.76
C SER C 17 -24.81 -17.79 -12.41
N LEU C 18 -23.64 -17.19 -12.26
CA LEU C 18 -23.04 -17.05 -10.94
C LEU C 18 -22.33 -15.71 -10.87
N ARG C 19 -22.35 -15.10 -9.70
CA ARG C 19 -21.59 -13.90 -9.41
C ARG C 19 -20.44 -14.27 -8.48
N LEU C 20 -19.22 -14.10 -8.97
CA LEU C 20 -18.07 -14.21 -8.07
C LEU C 20 -17.81 -12.84 -7.47
N SER C 21 -17.38 -12.83 -6.22
CA SER C 21 -16.89 -11.63 -5.58
C SER C 21 -15.46 -11.88 -5.10
N CYS C 22 -14.68 -10.81 -5.09
CA CYS C 22 -13.31 -10.84 -4.60
C CYS C 22 -13.20 -9.68 -3.64
N ALA C 23 -13.34 -9.95 -2.35
CA ALA C 23 -13.25 -8.93 -1.31
C ALA C 23 -11.80 -8.64 -0.98
N ALA C 24 -11.39 -7.38 -1.12
CA ALA C 24 -10.01 -6.97 -0.91
C ALA C 24 -9.88 -6.21 0.39
N SER C 25 -8.87 -6.55 1.18
CA SER C 25 -8.55 -5.78 2.37
C SER C 25 -7.05 -5.51 2.43
N GLY C 26 -6.69 -4.42 3.08
CA GLY C 26 -5.30 -4.03 3.17
C GLY C 26 -4.83 -3.12 2.07
N PHE C 27 -5.68 -2.82 1.09
CA PHE C 27 -5.37 -1.79 0.11
C PHE C 27 -6.67 -1.23 -0.45
N THR C 28 -6.57 -0.04 -1.05
CA THR C 28 -7.72 0.58 -1.70
C THR C 28 -7.79 0.10 -3.14
N ILE C 29 -8.89 -0.57 -3.50
CA ILE C 29 -8.97 -1.27 -4.77
C ILE C 29 -8.97 -0.28 -5.94
N TYR C 30 -9.47 0.94 -5.72
CA TYR C 30 -9.46 1.98 -6.73
C TYR C 30 -8.10 2.13 -7.40
N TYR C 31 -7.01 1.95 -6.65
CA TYR C 31 -5.67 2.19 -7.16
C TYR C 31 -5.07 1.00 -7.88
N SER C 32 -5.79 -0.12 -8.00
CA SER C 32 -5.22 -1.38 -8.47
C SER C 32 -6.07 -1.99 -9.56
N SER C 33 -5.41 -2.49 -10.61
CA SER C 33 -6.11 -3.32 -11.58
C SER C 33 -6.46 -4.68 -10.97
N MET C 34 -7.65 -5.18 -11.30
CA MET C 34 -8.09 -6.49 -10.82
C MET C 34 -8.29 -7.41 -12.02
N HIS C 35 -8.02 -8.70 -11.83
CA HIS C 35 -8.07 -9.65 -12.92
C HIS C 35 -8.67 -10.94 -12.41
N TRP C 36 -9.42 -11.60 -13.29
CA TRP C 36 -9.91 -12.95 -13.01
C TRP C 36 -9.16 -13.92 -13.91
N VAL C 37 -8.69 -15.02 -13.31
CA VAL C 37 -7.90 -16.04 -13.98
C VAL C 37 -8.44 -17.39 -13.56
N ARG C 38 -8.67 -18.27 -14.52
CA ARG C 38 -9.27 -19.56 -14.21
C ARG C 38 -8.34 -20.73 -14.52
N GLN C 39 -8.58 -21.84 -13.83
CA GLN C 39 -7.79 -23.05 -14.01
C GLN C 39 -8.77 -24.23 -14.09
N ALA C 40 -8.92 -24.80 -15.29
CA ALA C 40 -9.62 -26.08 -15.43
C ALA C 40 -8.84 -27.18 -14.72
N PRO C 41 -9.52 -28.13 -14.06
CA PRO C 41 -8.82 -29.15 -13.25
C PRO C 41 -7.67 -29.84 -13.96
N GLY C 42 -6.49 -29.75 -13.36
CA GLY C 42 -5.30 -30.30 -13.96
C GLY C 42 -4.79 -29.55 -15.17
N LYS C 43 -5.28 -28.35 -15.45
CA LYS C 43 -4.85 -27.65 -16.64
C LYS C 43 -4.14 -26.34 -16.28
N GLY C 44 -3.74 -25.60 -17.31
CA GLY C 44 -2.99 -24.38 -17.13
C GLY C 44 -3.86 -23.23 -16.65
N LEU C 45 -3.20 -22.09 -16.45
CA LEU C 45 -3.90 -20.86 -16.12
C LEU C 45 -4.38 -20.17 -17.38
N GLU C 46 -5.62 -19.64 -17.35
CA GLU C 46 -6.18 -18.91 -18.47
C GLU C 46 -6.76 -17.58 -18.00
N TRP C 47 -6.31 -16.49 -18.62
CA TRP C 47 -6.84 -15.17 -18.30
C TRP C 47 -8.27 -15.01 -18.78
N VAL C 48 -9.12 -14.46 -17.92
CA VAL C 48 -10.54 -14.30 -18.25
C VAL C 48 -10.86 -12.83 -18.51
N ALA C 49 -10.69 -11.98 -17.49
CA ALA C 49 -11.16 -10.61 -17.56
C ALA C 49 -10.29 -9.73 -16.69
N SER C 50 -10.09 -8.50 -17.15
CA SER C 50 -9.30 -7.50 -16.45
C SER C 50 -10.12 -6.22 -16.29
N ILE C 51 -9.94 -5.54 -15.15
CA ILE C 51 -10.52 -4.21 -14.94
C ILE C 51 -9.40 -3.27 -14.47
N SER C 52 -9.30 -2.11 -15.12
CA SER C 52 -8.21 -1.17 -14.89
C SER C 52 -8.42 -0.33 -13.64
N SER C 53 -7.33 0.23 -13.14
CA SER C 53 -7.37 1.16 -12.02
C SER C 53 -8.03 2.47 -12.46
N TYR C 54 -8.48 3.26 -11.49
CA TYR C 54 -8.97 4.61 -11.75
C TYR C 54 -10.23 4.64 -12.63
N TYR C 55 -10.03 4.44 -13.93
CA TYR C 55 -11.09 4.54 -14.94
C TYR C 55 -12.00 3.31 -14.94
N GLY C 56 -11.42 2.12 -14.81
CA GLY C 56 -12.21 0.91 -14.83
C GLY C 56 -12.60 0.40 -16.20
N TYR C 57 -11.77 0.65 -17.22
CA TYR C 57 -11.97 0.01 -18.52
C TYR C 57 -11.83 -1.50 -18.39
N THR C 58 -12.61 -2.23 -19.17
CA THR C 58 -12.73 -3.67 -19.00
C THR C 58 -12.20 -4.38 -20.23
N TYR C 59 -11.56 -5.53 -20.01
CA TYR C 59 -11.07 -6.37 -21.08
C TYR C 59 -11.38 -7.82 -20.77
N TYR C 60 -11.61 -8.60 -21.82
CA TYR C 60 -12.15 -9.95 -21.68
C TYR C 60 -11.47 -10.89 -22.67
N ALA C 61 -11.25 -12.12 -22.24
CA ALA C 61 -10.86 -13.16 -23.19
C ALA C 61 -12.00 -13.36 -24.17
N ASP C 62 -11.65 -13.69 -25.41
CA ASP C 62 -12.68 -13.79 -26.43
C ASP C 62 -13.72 -14.87 -26.13
N SER C 63 -13.37 -15.85 -25.29
CA SER C 63 -14.27 -16.97 -25.06
C SER C 63 -15.29 -16.70 -23.96
N VAL C 64 -15.27 -15.54 -23.32
CA VAL C 64 -16.26 -15.19 -22.31
C VAL C 64 -16.95 -13.87 -22.60
N LYS C 65 -16.59 -13.20 -23.69
CA LYS C 65 -17.12 -11.88 -24.00
C LYS C 65 -18.61 -11.94 -24.34
N GLY C 66 -19.36 -10.98 -23.83
CA GLY C 66 -20.81 -11.00 -23.96
C GLY C 66 -21.50 -11.94 -23.00
N ARG C 67 -20.76 -12.61 -22.14
CA ARG C 67 -21.30 -13.55 -21.17
C ARG C 67 -20.86 -13.24 -19.74
N PHE C 68 -19.63 -12.79 -19.56
CA PHE C 68 -19.12 -12.42 -18.25
C PHE C 68 -19.03 -10.90 -18.16
N THR C 69 -19.09 -10.37 -16.93
CA THR C 69 -18.90 -8.94 -16.69
C THR C 69 -18.10 -8.74 -15.42
N ILE C 70 -16.88 -8.22 -15.57
CA ILE C 70 -16.06 -7.82 -14.43
C ILE C 70 -16.44 -6.40 -14.01
N SER C 71 -16.43 -6.15 -12.71
CA SER C 71 -16.73 -4.83 -12.18
C SER C 71 -16.09 -4.71 -10.80
N ALA C 72 -16.14 -3.50 -10.25
CA ALA C 72 -15.57 -3.24 -8.93
C ALA C 72 -16.43 -2.24 -8.18
N ASP C 73 -16.63 -2.50 -6.90
CA ASP C 73 -17.35 -1.59 -6.03
C ASP C 73 -16.38 -1.01 -5.02
N THR C 74 -16.05 0.27 -5.21
CA THR C 74 -15.11 0.93 -4.32
C THR C 74 -15.67 1.07 -2.91
N SER C 75 -16.95 1.38 -2.77
CA SER C 75 -17.51 1.51 -1.42
C SER C 75 -17.64 0.17 -0.73
N LYS C 76 -17.37 -0.94 -1.43
CA LYS C 76 -17.24 -2.25 -0.82
C LYS C 76 -15.81 -2.79 -0.89
N ASN C 77 -14.93 -2.15 -1.64
CA ASN C 77 -13.55 -2.62 -1.84
C ASN C 77 -13.55 -4.07 -2.32
N THR C 78 -14.49 -4.36 -3.22
CA THR C 78 -14.66 -5.69 -3.76
C THR C 78 -14.74 -5.61 -5.27
N ALA C 79 -14.16 -6.59 -5.94
CA ALA C 79 -14.36 -6.81 -7.36
C ALA C 79 -15.29 -8.00 -7.57
N TYR C 80 -15.91 -8.05 -8.74
CA TYR C 80 -16.84 -9.14 -9.02
C TYR C 80 -16.60 -9.67 -10.43
N LEU C 81 -17.16 -10.85 -10.67
CA LEU C 81 -17.19 -11.46 -12.00
C LEU C 81 -18.58 -12.07 -12.17
N GLN C 82 -19.47 -11.34 -12.82
CA GLN C 82 -20.77 -11.90 -13.17
C GLN C 82 -20.60 -12.84 -14.34
N MET C 83 -21.04 -14.08 -14.18
CA MET C 83 -20.87 -15.08 -15.24
C MET C 83 -22.26 -15.56 -15.67
N ASN C 84 -22.65 -15.24 -16.89
CA ASN C 84 -23.91 -15.73 -17.43
C ASN C 84 -23.65 -16.84 -18.45
N SER C 85 -24.71 -17.61 -18.73
CA SER C 85 -24.68 -18.67 -19.75
C SER C 85 -23.49 -19.60 -19.53
N LEU C 86 -23.30 -20.03 -18.30
CA LEU C 86 -22.22 -20.94 -18.00
C LEU C 86 -22.41 -22.25 -18.78
N ARG C 87 -21.31 -22.82 -19.25
CA ARG C 87 -21.27 -24.11 -19.93
C ARG C 87 -20.29 -25.02 -19.23
N ALA C 88 -20.39 -26.32 -19.56
CA ALA C 88 -19.50 -27.31 -18.94
C ALA C 88 -18.05 -26.90 -19.09
N GLU C 89 -17.70 -26.28 -20.22
CA GLU C 89 -16.35 -25.80 -20.48
C GLU C 89 -15.91 -24.69 -19.53
N ASP C 90 -16.82 -24.10 -18.76
CA ASP C 90 -16.47 -23.05 -17.82
C ASP C 90 -16.09 -23.59 -16.45
N THR C 91 -16.20 -24.90 -16.26
CA THR C 91 -15.80 -25.54 -15.02
C THR C 91 -14.30 -25.32 -14.76
N ALA C 92 -13.98 -24.78 -13.59
CA ALA C 92 -12.62 -24.34 -13.27
C ALA C 92 -12.59 -23.79 -11.86
N VAL C 93 -11.38 -23.76 -11.30
CA VAL C 93 -11.06 -22.90 -10.17
C VAL C 93 -10.86 -21.50 -10.71
N TYR C 94 -11.55 -20.54 -10.13
CA TYR C 94 -11.46 -19.16 -10.58
C TYR C 94 -10.69 -18.36 -9.54
N TYR C 95 -9.67 -17.65 -9.99
CA TYR C 95 -8.90 -16.76 -9.12
C TYR C 95 -9.15 -15.31 -9.50
N CYS C 96 -9.16 -14.47 -8.48
CA CYS C 96 -9.01 -13.03 -8.64
C CYS C 96 -7.62 -12.63 -8.20
N ALA C 97 -7.06 -11.61 -8.83
CA ALA C 97 -5.74 -11.14 -8.46
C ALA C 97 -5.63 -9.69 -8.83
N ARG C 98 -4.68 -8.99 -8.20
CA ARG C 98 -4.42 -7.59 -8.51
C ARG C 98 -3.11 -7.44 -9.27
N TYR C 99 -3.06 -6.41 -10.10
CA TYR C 99 -1.89 -5.99 -10.89
C TYR C 99 -1.65 -6.93 -12.05
N TYR C 100 -0.90 -6.47 -13.06
CA TYR C 100 -0.67 -7.26 -14.25
C TYR C 100 0.40 -8.32 -14.03
N ALA C 101 1.41 -8.00 -13.23
CA ALA C 101 2.29 -9.00 -12.65
C ALA C 101 1.67 -9.32 -11.30
N MET C 102 0.79 -10.32 -11.28
CA MET C 102 -0.17 -10.51 -10.20
C MET C 102 0.56 -10.93 -8.93
N ASP C 103 0.62 -10.03 -7.93
CA ASP C 103 1.40 -10.33 -6.74
C ASP C 103 0.57 -10.96 -5.62
N TYR C 104 -0.72 -10.66 -5.55
CA TYR C 104 -1.58 -11.25 -4.54
C TYR C 104 -2.77 -11.88 -5.23
N TRP C 105 -3.17 -13.04 -4.74
CA TRP C 105 -4.23 -13.82 -5.35
C TRP C 105 -5.28 -14.18 -4.33
N GLY C 106 -6.50 -14.38 -4.79
CA GLY C 106 -7.49 -15.02 -3.97
C GLY C 106 -7.13 -16.49 -3.76
N GLN C 107 -7.81 -17.08 -2.77
CA GLN C 107 -7.64 -18.50 -2.45
C GLN C 107 -8.19 -19.39 -3.54
N GLY C 108 -9.05 -18.84 -4.40
CA GLY C 108 -9.61 -19.59 -5.50
C GLY C 108 -10.90 -20.28 -5.13
N THR C 109 -11.88 -20.24 -6.01
CA THR C 109 -13.15 -20.93 -5.79
C THR C 109 -13.53 -21.67 -7.06
N LEU C 110 -13.98 -22.91 -6.87
CA LEU C 110 -14.27 -23.83 -7.96
C LEU C 110 -15.68 -23.59 -8.50
N VAL C 111 -15.78 -23.40 -9.80
CA VAL C 111 -17.06 -23.28 -10.50
C VAL C 111 -17.25 -24.59 -11.26
N THR C 112 -18.34 -25.31 -10.93
CA THR C 112 -18.74 -26.55 -11.58
C THR C 112 -20.08 -26.34 -12.29
N VAL C 113 -20.05 -26.41 -13.63
CA VAL C 113 -21.26 -26.26 -14.42
C VAL C 113 -21.69 -27.65 -14.87
N SER C 114 -22.79 -28.13 -14.30
CA SER C 114 -23.26 -29.50 -14.51
C SER C 114 -24.75 -29.58 -14.17
N SER C 115 -25.43 -30.57 -14.75
CA SER C 115 -26.83 -30.80 -14.41
C SER C 115 -27.03 -31.97 -13.45
N ALA C 116 -25.95 -32.63 -13.03
CA ALA C 116 -26.05 -33.55 -11.91
C ALA C 116 -26.30 -32.78 -10.62
N SER C 117 -27.02 -33.42 -9.71
CA SER C 117 -27.42 -32.78 -8.46
C SER C 117 -26.31 -32.89 -7.43
N THR C 118 -26.42 -32.10 -6.37
CA THR C 118 -25.47 -32.17 -5.27
C THR C 118 -25.74 -33.37 -4.38
N LYS C 119 -24.68 -33.97 -3.85
CA LYS C 119 -24.81 -35.15 -2.99
C LYS C 119 -23.66 -35.17 -1.99
N GLY C 120 -24.01 -35.17 -0.70
CA GLY C 120 -23.00 -35.19 0.34
C GLY C 120 -22.27 -36.52 0.44
N PRO C 121 -21.06 -36.48 0.98
CA PRO C 121 -20.25 -37.71 1.10
C PRO C 121 -20.79 -38.69 2.15
N SER C 122 -20.40 -39.94 1.99
CA SER C 122 -20.46 -40.93 3.06
C SER C 122 -19.03 -41.20 3.53
N VAL C 123 -18.82 -41.16 4.83
CA VAL C 123 -17.48 -41.30 5.39
C VAL C 123 -17.37 -42.64 6.10
N PHE C 124 -16.34 -43.41 5.74
CA PHE C 124 -16.13 -44.69 6.37
C PHE C 124 -14.74 -44.76 7.00
N PRO C 125 -14.62 -45.38 8.17
CA PRO C 125 -13.30 -45.51 8.79
C PRO C 125 -12.42 -46.46 7.98
N LEU C 126 -11.16 -46.10 7.87
CA LEU C 126 -10.08 -47.02 7.49
C LEU C 126 -9.31 -47.30 8.77
N ALA C 127 -9.68 -48.38 9.45
CA ALA C 127 -9.30 -48.65 10.82
C ALA C 127 -7.94 -49.38 10.86
N PRO C 128 -7.10 -49.08 11.87
CA PRO C 128 -5.79 -49.74 11.97
C PRO C 128 -5.90 -51.18 12.46
N THR C 137 4.82 -48.10 13.38
CA THR C 137 3.89 -47.05 12.98
C THR C 137 2.57 -47.66 12.49
N ALA C 138 1.47 -46.98 12.79
CA ALA C 138 0.15 -47.44 12.40
C ALA C 138 -0.45 -46.51 11.37
N ALA C 139 -1.19 -47.08 10.42
CA ALA C 139 -1.90 -46.30 9.43
C ALA C 139 -3.40 -46.35 9.73
N LEU C 140 -4.06 -45.22 9.52
CA LEU C 140 -5.51 -45.18 9.61
C LEU C 140 -5.96 -44.01 8.75
N GLY C 141 -7.26 -43.95 8.49
CA GLY C 141 -7.75 -42.99 7.53
C GLY C 141 -9.26 -42.88 7.53
N CYS C 142 -9.76 -42.11 6.57
CA CYS C 142 -11.19 -41.98 6.35
C CYS C 142 -11.44 -42.09 4.86
N LEU C 143 -12.36 -42.98 4.48
CA LEU C 143 -12.78 -43.15 3.09
C LEU C 143 -13.97 -42.21 2.86
N VAL C 144 -13.78 -41.23 1.98
CA VAL C 144 -14.77 -40.19 1.73
C VAL C 144 -15.41 -40.53 0.38
N LYS C 145 -16.60 -41.11 0.40
CA LYS C 145 -17.13 -41.79 -0.77
C LYS C 145 -18.40 -41.12 -1.30
N ASP C 146 -18.50 -41.07 -2.64
CA ASP C 146 -19.76 -40.83 -3.35
C ASP C 146 -20.34 -39.44 -3.07
N TYR C 147 -19.63 -38.43 -3.54
CA TYR C 147 -20.08 -37.05 -3.34
C TYR C 147 -20.01 -36.28 -4.65
N PHE C 148 -20.76 -35.19 -4.73
CA PHE C 148 -20.72 -34.33 -5.90
C PHE C 148 -21.28 -32.97 -5.52
N PRO C 149 -20.74 -31.88 -6.10
CA PRO C 149 -19.49 -31.84 -6.87
C PRO C 149 -18.30 -31.78 -5.94
N GLU C 150 -17.13 -31.50 -6.51
CA GLU C 150 -16.00 -31.07 -5.72
C GLU C 150 -16.27 -29.65 -5.19
N PRO C 151 -15.58 -29.23 -4.12
CA PRO C 151 -14.60 -30.01 -3.37
C PRO C 151 -15.07 -30.46 -2.00
N VAL C 152 -14.26 -31.31 -1.40
CA VAL C 152 -14.35 -31.64 0.02
C VAL C 152 -13.01 -31.30 0.63
N THR C 153 -13.01 -31.02 1.93
CA THR C 153 -11.78 -30.82 2.69
C THR C 153 -11.79 -31.73 3.90
N VAL C 154 -10.60 -32.26 4.22
CA VAL C 154 -10.42 -33.21 5.31
C VAL C 154 -9.37 -32.66 6.26
N SER C 155 -9.71 -32.58 7.54
CA SER C 155 -8.73 -32.38 8.59
C SER C 155 -8.85 -33.52 9.57
N TRP C 156 -7.88 -33.58 10.46
CA TRP C 156 -7.83 -34.59 11.51
C TRP C 156 -7.77 -33.89 12.84
N ASN C 157 -8.55 -34.39 13.80
CA ASN C 157 -8.59 -33.84 15.14
C ASN C 157 -8.75 -32.32 15.09
N SER C 158 -9.67 -31.88 14.24
CA SER C 158 -9.98 -30.46 14.07
C SER C 158 -8.75 -29.65 13.65
N GLY C 159 -7.83 -30.28 12.93
CA GLY C 159 -6.63 -29.64 12.49
C GLY C 159 -5.46 -29.75 13.43
N ALA C 160 -5.63 -30.38 14.59
CA ALA C 160 -4.51 -30.56 15.52
C ALA C 160 -3.54 -31.65 15.06
N LEU C 161 -3.96 -32.53 14.16
CA LEU C 161 -3.09 -33.58 13.60
C LEU C 161 -2.85 -33.25 12.14
N THR C 162 -1.61 -32.86 11.81
CA THR C 162 -1.25 -32.47 10.44
C THR C 162 -0.05 -33.26 9.93
N SER C 163 0.80 -33.69 10.85
CA SER C 163 2.00 -34.41 10.46
C SER C 163 1.64 -35.81 9.97
N GLY C 164 2.05 -36.12 8.75
CA GLY C 164 1.85 -37.44 8.19
C GLY C 164 0.50 -37.68 7.55
N VAL C 165 -0.37 -36.66 7.47
CA VAL C 165 -1.62 -36.80 6.75
C VAL C 165 -1.36 -36.83 5.25
N HIS C 166 -2.07 -37.72 4.54
CA HIS C 166 -2.12 -37.72 3.08
C HIS C 166 -3.58 -37.82 2.65
N THR C 167 -4.15 -36.67 2.28
CA THR C 167 -5.48 -36.59 1.68
C THR C 167 -5.34 -36.66 0.16
N PHE C 168 -5.89 -37.68 -0.42
CA PHE C 168 -5.62 -38.01 -1.81
C PHE C 168 -6.57 -37.24 -2.73
N PRO C 169 -6.10 -36.88 -3.93
CA PRO C 169 -7.02 -36.33 -4.94
C PRO C 169 -8.18 -37.28 -5.17
N ALA C 170 -9.35 -36.69 -5.33
CA ALA C 170 -10.54 -37.46 -5.65
C ALA C 170 -10.36 -38.15 -6.98
N VAL C 171 -10.97 -39.32 -7.11
CA VAL C 171 -11.16 -39.97 -8.39
C VAL C 171 -12.65 -39.90 -8.73
N LEU C 172 -12.94 -39.66 -10.00
CA LEU C 172 -14.31 -39.75 -10.45
C LEU C 172 -14.67 -41.21 -10.66
N GLN C 173 -15.71 -41.69 -9.99
CA GLN C 173 -16.13 -43.07 -10.14
C GLN C 173 -17.05 -43.22 -11.34
N SER C 174 -17.29 -44.48 -11.72
CA SER C 174 -18.14 -44.76 -12.88
C SER C 174 -19.56 -44.24 -12.67
N SER C 175 -20.00 -44.11 -11.42
CA SER C 175 -21.28 -43.51 -11.11
C SER C 175 -21.34 -42.02 -11.43
N GLY C 176 -20.22 -41.37 -11.73
CA GLY C 176 -20.20 -39.93 -11.79
C GLY C 176 -20.02 -39.26 -10.46
N LEU C 177 -19.85 -40.02 -9.38
CA LEU C 177 -19.64 -39.45 -8.05
C LEU C 177 -18.19 -39.58 -7.64
N TYR C 178 -17.69 -38.54 -6.98
CA TYR C 178 -16.30 -38.54 -6.55
C TYR C 178 -16.14 -39.33 -5.25
N SER C 179 -14.94 -39.87 -5.09
CA SER C 179 -14.58 -40.52 -3.84
C SER C 179 -13.09 -40.25 -3.59
N LEU C 180 -12.72 -40.24 -2.32
CA LEU C 180 -11.32 -40.07 -1.95
C LEU C 180 -11.10 -40.68 -0.58
N SER C 181 -9.83 -40.89 -0.26
CA SER C 181 -9.37 -41.29 1.05
C SER C 181 -8.38 -40.26 1.57
N SER C 182 -8.39 -40.08 2.89
CA SER C 182 -7.38 -39.29 3.57
C SER C 182 -6.82 -40.14 4.69
N VAL C 183 -5.50 -40.36 4.67
CA VAL C 183 -4.89 -41.28 5.62
C VAL C 183 -3.83 -40.55 6.43
N VAL C 184 -3.55 -41.11 7.61
CA VAL C 184 -2.54 -40.58 8.50
C VAL C 184 -1.80 -41.74 9.14
N THR C 185 -0.51 -41.55 9.38
CA THR C 185 0.26 -42.53 10.11
C THR C 185 0.61 -41.96 11.48
N VAL C 186 0.46 -42.79 12.49
CA VAL C 186 0.62 -42.41 13.89
C VAL C 186 1.40 -43.50 14.60
N PRO C 187 1.98 -43.19 15.75
CA PRO C 187 2.56 -44.26 16.57
C PRO C 187 1.48 -45.24 17.00
N SER C 188 1.79 -46.54 16.88
CA SER C 188 0.85 -47.55 17.31
C SER C 188 0.67 -47.55 18.83
N SER C 189 1.59 -46.91 19.56
CA SER C 189 1.45 -46.75 21.01
C SER C 189 0.29 -45.84 21.39
N SER C 190 -0.22 -45.03 20.46
CA SER C 190 -1.30 -44.09 20.72
C SER C 190 -2.66 -44.65 20.32
N LEU C 191 -2.72 -45.87 19.80
CA LEU C 191 -3.98 -46.42 19.30
C LEU C 191 -5.00 -46.65 20.40
N GLY C 192 -4.58 -46.75 21.65
CA GLY C 192 -5.52 -46.99 22.73
C GLY C 192 -5.85 -45.75 23.54
N THR C 193 -4.96 -44.77 23.53
CA THR C 193 -5.09 -43.57 24.35
C THR C 193 -5.64 -42.41 23.56
N GLN C 194 -4.94 -42.03 22.49
CA GLN C 194 -5.35 -40.92 21.64
C GLN C 194 -6.48 -41.36 20.73
N THR C 195 -7.54 -40.57 20.68
CA THR C 195 -8.59 -40.80 19.70
C THR C 195 -8.27 -40.02 18.45
N TYR C 196 -8.72 -40.54 17.30
CA TYR C 196 -8.44 -39.95 16.00
C TYR C 196 -9.76 -39.72 15.28
N ILE C 197 -10.02 -38.46 14.91
CA ILE C 197 -11.28 -38.06 14.29
C ILE C 197 -10.97 -37.32 13.00
N CYS C 198 -11.55 -37.80 11.90
CA CYS C 198 -11.46 -37.08 10.64
C CYS C 198 -12.64 -36.12 10.50
N ASN C 199 -12.37 -34.94 9.96
CA ASN C 199 -13.33 -33.85 9.82
C ASN C 199 -13.49 -33.54 8.34
N VAL C 200 -14.64 -33.85 7.78
CA VAL C 200 -14.82 -33.88 6.34
C VAL C 200 -15.90 -32.84 5.98
N ASN C 201 -15.50 -31.77 5.31
CA ASN C 201 -16.43 -30.70 4.99
C ASN C 201 -16.71 -30.67 3.50
N HIS C 202 -17.99 -30.73 3.14
CA HIS C 202 -18.46 -30.61 1.77
C HIS C 202 -19.38 -29.39 1.70
N LYS C 203 -18.80 -28.24 1.43
CA LYS C 203 -19.57 -27.00 1.38
C LYS C 203 -20.62 -27.00 0.27
N PRO C 204 -20.40 -27.59 -0.91
CA PRO C 204 -21.47 -27.57 -1.93
C PRO C 204 -22.82 -28.11 -1.44
N SER C 205 -22.82 -29.12 -0.57
CA SER C 205 -24.04 -29.64 0.03
C SER C 205 -24.25 -29.19 1.47
N ASN C 206 -23.47 -28.20 1.93
CA ASN C 206 -23.60 -27.64 3.29
C ASN C 206 -23.48 -28.71 4.36
N THR C 207 -22.57 -29.66 4.17
CA THR C 207 -22.47 -30.85 5.00
C THR C 207 -21.06 -31.04 5.52
N LYS C 208 -20.93 -31.19 6.84
CA LYS C 208 -19.69 -31.67 7.44
C LYS C 208 -19.95 -33.01 8.13
N VAL C 209 -19.02 -33.95 7.98
CA VAL C 209 -19.09 -35.25 8.62
C VAL C 209 -17.87 -35.39 9.53
N ASP C 210 -18.11 -35.70 10.80
CA ASP C 210 -17.06 -36.05 11.75
C ASP C 210 -17.17 -37.53 12.09
N LYS C 211 -16.05 -38.25 11.93
CA LYS C 211 -15.98 -39.69 12.12
C LYS C 211 -14.80 -40.05 13.02
N LYS C 212 -15.09 -40.61 14.18
CA LYS C 212 -14.04 -41.18 15.02
C LYS C 212 -13.60 -42.51 14.41
N VAL C 213 -12.29 -42.65 14.22
CA VAL C 213 -11.72 -43.84 13.59
C VAL C 213 -11.10 -44.67 14.69
N GLU C 214 -11.70 -45.81 14.99
CA GLU C 214 -11.19 -46.56 16.13
C GLU C 214 -10.50 -47.84 15.67
N PRO C 215 -9.52 -48.33 16.42
CA PRO C 215 -8.92 -49.63 16.05
C PRO C 215 -9.96 -50.73 16.20
N LYS C 216 -9.85 -51.74 15.35
CA LYS C 216 -10.79 -52.86 15.40
C LYS C 216 -10.21 -54.04 16.17
N ASP D 1 -3.90 -13.36 -28.95
CA ASP D 1 -3.15 -13.58 -30.18
C ASP D 1 -1.68 -13.81 -29.81
N ILE D 2 -1.18 -13.02 -28.88
CA ILE D 2 0.23 -13.00 -28.52
C ILE D 2 0.48 -14.20 -27.59
N GLN D 3 1.10 -15.26 -28.12
CA GLN D 3 1.21 -16.53 -27.40
C GLN D 3 2.56 -16.67 -26.70
N MET D 4 2.56 -17.47 -25.64
CA MET D 4 3.75 -17.72 -24.82
C MET D 4 4.03 -19.20 -24.82
N THR D 5 5.07 -19.61 -25.56
CA THR D 5 5.41 -21.01 -25.78
C THR D 5 6.53 -21.40 -24.81
N GLN D 6 6.19 -22.25 -23.84
CA GLN D 6 7.06 -22.56 -22.72
C GLN D 6 7.71 -23.93 -22.87
N SER D 7 8.95 -24.04 -22.38
CA SER D 7 9.79 -25.21 -22.55
C SER D 7 10.65 -25.43 -21.31
N PRO D 8 10.71 -26.67 -20.79
CA PRO D 8 9.92 -27.80 -21.28
C PRO D 8 8.60 -27.92 -20.53
N SER D 9 7.74 -28.87 -20.91
CA SER D 9 6.51 -29.05 -20.17
C SER D 9 6.73 -29.75 -18.84
N SER D 10 7.81 -30.53 -18.71
CA SER D 10 8.10 -31.16 -17.43
C SER D 10 9.58 -31.48 -17.35
N LEU D 11 10.11 -31.49 -16.14
CA LEU D 11 11.49 -31.89 -15.95
C LEU D 11 11.65 -32.41 -14.53
N SER D 12 12.69 -33.21 -14.35
CA SER D 12 13.11 -33.68 -13.04
C SER D 12 14.57 -33.28 -12.84
N ALA D 13 14.92 -32.96 -11.60
CA ALA D 13 16.27 -32.52 -11.29
C ALA D 13 16.55 -32.80 -9.83
N SER D 14 17.82 -33.09 -9.54
CA SER D 14 18.23 -33.36 -8.17
C SER D 14 18.31 -32.06 -7.38
N VAL D 15 18.23 -32.20 -6.05
CA VAL D 15 18.45 -31.08 -5.16
C VAL D 15 19.81 -30.47 -5.44
N GLY D 16 19.85 -29.15 -5.54
CA GLY D 16 21.06 -28.43 -5.83
C GLY D 16 21.29 -28.12 -7.29
N ASP D 17 20.58 -28.78 -8.20
CA ASP D 17 20.81 -28.64 -9.63
C ASP D 17 20.32 -27.27 -10.13
N ARG D 18 20.85 -26.86 -11.29
CA ARG D 18 20.49 -25.60 -11.93
C ARG D 18 19.40 -25.87 -12.95
N VAL D 19 18.22 -25.30 -12.74
CA VAL D 19 17.05 -25.56 -13.56
C VAL D 19 16.79 -24.36 -14.45
N THR D 20 16.53 -24.61 -15.73
CA THR D 20 16.30 -23.56 -16.71
C THR D 20 15.00 -23.83 -17.46
N ILE D 21 14.00 -22.99 -17.24
CA ILE D 21 12.74 -23.04 -17.98
C ILE D 21 12.75 -21.92 -19.00
N THR D 22 12.49 -22.25 -20.26
CA THR D 22 12.46 -21.27 -21.34
C THR D 22 11.02 -20.92 -21.68
N CYS D 23 10.77 -19.64 -21.96
CA CYS D 23 9.48 -19.19 -22.46
C CYS D 23 9.71 -18.30 -23.67
N ARG D 24 9.04 -18.61 -24.78
CA ARG D 24 9.22 -17.88 -26.02
C ARG D 24 7.95 -17.12 -26.38
N ALA D 25 8.08 -15.82 -26.66
CA ALA D 25 6.94 -14.98 -26.99
C ALA D 25 6.73 -14.94 -28.49
N SER D 26 5.45 -14.97 -28.90
CA SER D 26 5.11 -14.95 -30.32
C SER D 26 5.60 -13.68 -31.00
N GLN D 27 5.41 -12.54 -30.33
CA GLN D 27 5.93 -11.28 -30.80
C GLN D 27 6.55 -10.56 -29.61
N SER D 28 7.28 -9.48 -29.89
CA SER D 28 7.98 -8.73 -28.86
C SER D 28 7.02 -8.29 -27.78
N VAL D 29 7.25 -8.78 -26.56
CA VAL D 29 6.48 -8.36 -25.40
C VAL D 29 7.24 -7.32 -24.57
N SER D 30 8.36 -6.82 -25.07
CA SER D 30 9.25 -5.92 -24.31
C SER D 30 9.73 -6.73 -23.11
N SER D 31 9.80 -6.13 -21.91
CA SER D 31 10.15 -6.86 -20.71
C SER D 31 8.94 -7.14 -19.82
N ALA D 32 7.73 -7.00 -20.36
CA ALA D 32 6.49 -7.22 -19.61
C ALA D 32 6.20 -8.72 -19.51
N VAL D 33 7.01 -9.41 -18.71
CA VAL D 33 6.87 -10.84 -18.49
C VAL D 33 7.00 -11.09 -16.99
N ALA D 34 6.25 -12.06 -16.50
CA ALA D 34 6.31 -12.46 -15.10
C ALA D 34 6.51 -13.96 -15.01
N TRP D 35 7.04 -14.40 -13.87
CA TRP D 35 7.17 -15.83 -13.57
C TRP D 35 6.48 -16.13 -12.24
N TYR D 36 5.69 -17.21 -12.23
CA TYR D 36 4.96 -17.65 -11.05
C TYR D 36 5.32 -19.10 -10.70
N GLN D 37 5.11 -19.43 -9.43
CA GLN D 37 5.26 -20.78 -8.89
C GLN D 37 3.92 -21.20 -8.28
N GLN D 38 3.37 -22.33 -8.70
CA GLN D 38 2.08 -22.80 -8.18
C GLN D 38 2.24 -24.18 -7.54
N LYS D 39 2.00 -24.26 -6.24
CA LYS D 39 2.01 -25.52 -5.51
C LYS D 39 0.62 -26.15 -5.51
N PRO D 40 0.54 -27.47 -5.37
CA PRO D 40 -0.76 -28.16 -5.47
C PRO D 40 -1.80 -27.57 -4.52
N GLY D 41 -2.98 -27.29 -5.06
CA GLY D 41 -4.03 -26.68 -4.27
C GLY D 41 -3.87 -25.19 -4.00
N LYS D 42 -2.70 -24.61 -4.21
CA LYS D 42 -2.49 -23.20 -3.94
C LYS D 42 -2.63 -22.38 -5.21
N ALA D 43 -3.00 -21.11 -5.04
CA ALA D 43 -2.93 -20.14 -6.12
C ALA D 43 -1.47 -19.85 -6.51
N PRO D 44 -1.24 -19.39 -7.74
CA PRO D 44 0.13 -19.04 -8.14
C PRO D 44 0.70 -17.93 -7.27
N LYS D 45 2.01 -18.01 -7.06
CA LYS D 45 2.77 -17.05 -6.29
C LYS D 45 3.81 -16.39 -7.18
N LEU D 46 3.81 -15.06 -7.21
CA LEU D 46 4.68 -14.32 -8.10
C LEU D 46 6.13 -14.44 -7.64
N LEU D 47 7.01 -14.75 -8.59
CA LEU D 47 8.46 -14.78 -8.35
C LEU D 47 9.18 -13.61 -8.98
N ILE D 48 8.93 -13.34 -10.26
CA ILE D 48 9.65 -12.36 -11.07
C ILE D 48 8.66 -11.47 -11.78
N TYR D 49 8.92 -10.16 -11.75
CA TYR D 49 8.17 -9.23 -12.58
C TYR D 49 9.12 -8.49 -13.50
N SER D 50 8.57 -7.84 -14.52
CA SER D 50 9.33 -7.04 -15.48
C SER D 50 10.45 -7.87 -16.11
N ALA D 51 10.22 -9.18 -16.15
CA ALA D 51 11.02 -10.22 -16.74
C ALA D 51 12.32 -10.48 -15.97
N SER D 52 12.78 -9.55 -15.14
CA SER D 52 14.05 -9.77 -14.48
C SER D 52 14.06 -9.34 -13.02
N SER D 53 12.97 -8.79 -12.51
CA SER D 53 12.98 -8.20 -11.18
C SER D 53 12.41 -9.17 -10.17
N LEU D 54 13.11 -9.30 -9.05
CA LEU D 54 12.79 -10.28 -8.02
C LEU D 54 11.76 -9.68 -7.08
N TYR D 55 10.58 -10.26 -7.05
CA TYR D 55 9.54 -9.78 -6.15
C TYR D 55 9.99 -9.97 -4.71
N SER D 56 9.56 -9.04 -3.85
CA SER D 56 9.98 -9.03 -2.45
C SER D 56 9.71 -10.35 -1.76
N GLY D 57 10.69 -10.81 -1.00
CA GLY D 57 10.56 -12.05 -0.25
C GLY D 57 10.80 -13.34 -1.03
N VAL D 58 11.06 -13.26 -2.32
CA VAL D 58 11.32 -14.47 -3.11
C VAL D 58 12.80 -14.83 -3.02
N PRO D 59 13.13 -16.09 -2.75
CA PRO D 59 14.55 -16.46 -2.59
C PRO D 59 15.41 -16.04 -3.78
N SER D 60 16.58 -15.53 -3.48
CA SER D 60 17.47 -15.04 -4.53
C SER D 60 17.94 -16.15 -5.46
N ARG D 61 17.65 -17.41 -5.13
CA ARG D 61 17.95 -18.53 -6.02
C ARG D 61 17.13 -18.48 -7.31
N PHE D 62 16.02 -17.75 -7.32
CA PHE D 62 15.21 -17.58 -8.51
C PHE D 62 15.64 -16.31 -9.26
N SER D 63 15.72 -16.42 -10.58
CA SER D 63 16.10 -15.27 -11.39
C SER D 63 15.50 -15.45 -12.78
N GLY D 64 15.39 -14.33 -13.48
CA GLY D 64 14.78 -14.31 -14.80
C GLY D 64 15.57 -13.49 -15.79
N SER D 65 15.64 -13.92 -17.05
CA SER D 65 16.46 -13.26 -18.06
C SER D 65 15.66 -13.08 -19.35
N ARG D 66 16.08 -12.11 -20.14
CA ARG D 66 15.47 -11.84 -21.43
C ARG D 66 16.53 -11.65 -22.50
N SER D 67 16.27 -12.20 -23.68
CA SER D 67 17.08 -11.94 -24.88
C SER D 67 16.10 -11.87 -26.04
N GLY D 68 15.65 -10.66 -26.36
CA GLY D 68 14.60 -10.52 -27.36
C GLY D 68 13.29 -11.07 -26.84
N THR D 69 12.69 -11.98 -27.59
CA THR D 69 11.45 -12.62 -27.17
C THR D 69 11.69 -13.87 -26.33
N ASP D 70 12.94 -14.21 -26.05
CA ASP D 70 13.28 -15.38 -25.25
C ASP D 70 13.44 -14.96 -23.79
N PHE D 71 12.63 -15.56 -22.92
CA PHE D 71 12.66 -15.28 -21.49
C PHE D 71 13.01 -16.55 -20.74
N THR D 72 14.01 -16.46 -19.85
CA THR D 72 14.50 -17.62 -19.11
C THR D 72 14.32 -17.41 -17.61
N LEU D 73 13.75 -18.42 -16.96
CA LEU D 73 13.67 -18.51 -15.50
C LEU D 73 14.71 -19.52 -15.01
N THR D 74 15.53 -19.10 -14.05
CA THR D 74 16.63 -19.94 -13.56
C THR D 74 16.54 -20.13 -12.06
N ILE D 75 16.49 -21.39 -11.63
CA ILE D 75 16.66 -21.76 -10.23
C ILE D 75 18.09 -22.26 -10.10
N SER D 76 18.92 -21.53 -9.34
CA SER D 76 20.34 -21.87 -9.27
C SER D 76 20.55 -23.23 -8.62
N SER D 77 19.90 -23.49 -7.48
CA SER D 77 20.11 -24.72 -6.72
C SER D 77 18.74 -25.19 -6.22
N LEU D 78 18.22 -26.24 -6.87
CA LEU D 78 16.85 -26.68 -6.64
C LEU D 78 16.67 -27.25 -5.25
N GLN D 79 15.67 -26.78 -4.53
CA GLN D 79 15.39 -27.31 -3.20
C GLN D 79 14.15 -28.19 -3.24
N PRO D 80 13.96 -29.04 -2.22
CA PRO D 80 12.75 -29.89 -2.19
C PRO D 80 11.45 -29.10 -2.19
N GLU D 81 11.41 -27.94 -1.54
CA GLU D 81 10.20 -27.12 -1.57
C GLU D 81 9.99 -26.45 -2.92
N ASP D 82 10.88 -26.63 -3.88
CA ASP D 82 10.72 -26.00 -5.18
C ASP D 82 9.85 -26.82 -6.14
N PHE D 83 9.43 -28.02 -5.73
CA PHE D 83 8.46 -28.76 -6.52
C PHE D 83 7.24 -27.89 -6.75
N ALA D 84 6.87 -27.73 -8.02
CA ALA D 84 5.79 -26.82 -8.42
C ALA D 84 5.63 -26.90 -9.93
N THR D 85 4.55 -26.31 -10.40
CA THR D 85 4.44 -25.96 -11.81
C THR D 85 4.70 -24.47 -11.94
N TYR D 86 5.59 -24.12 -12.85
CA TYR D 86 5.96 -22.72 -13.05
C TYR D 86 5.31 -22.23 -14.34
N TYR D 87 5.01 -20.95 -14.37
CA TYR D 87 4.27 -20.34 -15.47
C TYR D 87 4.91 -19.01 -15.84
N CYS D 88 5.07 -18.77 -17.13
CA CYS D 88 5.37 -17.43 -17.62
C CYS D 88 4.07 -16.76 -18.03
N GLN D 89 4.06 -15.44 -17.98
CA GLN D 89 2.91 -14.65 -18.41
C GLN D 89 3.44 -13.40 -19.10
N GLN D 90 2.73 -12.95 -20.14
CA GLN D 90 2.99 -11.65 -20.75
C GLN D 90 1.83 -10.72 -20.45
N TYR D 91 2.15 -9.43 -20.27
CA TYR D 91 1.13 -8.41 -20.08
C TYR D 91 1.47 -7.13 -20.86
N TYR D 92 2.18 -7.29 -21.98
CA TYR D 92 2.45 -6.16 -22.87
C TYR D 92 1.16 -5.63 -23.47
N GLY D 93 0.36 -6.51 -24.04
CA GLY D 93 -0.97 -6.13 -24.50
C GLY D 93 -1.10 -6.13 -26.01
N TYR D 94 -2.23 -6.61 -26.50
CA TYR D 94 -2.54 -6.57 -27.92
C TYR D 94 -3.99 -6.16 -28.13
N ILE D 99 -3.31 -10.44 -22.01
CA ILE D 99 -2.69 -11.31 -21.02
C ILE D 99 -2.74 -12.73 -21.54
N THR D 100 -1.58 -13.35 -21.67
CA THR D 100 -1.50 -14.78 -21.96
C THR D 100 -0.43 -15.41 -21.09
N PHE D 101 -0.70 -16.66 -20.70
CA PHE D 101 0.23 -17.45 -19.90
C PHE D 101 0.91 -18.50 -20.76
N GLY D 102 2.11 -18.91 -20.37
CA GLY D 102 2.70 -20.10 -20.93
C GLY D 102 1.95 -21.34 -20.47
N GLN D 103 2.23 -22.47 -21.15
CA GLN D 103 1.56 -23.73 -20.84
C GLN D 103 2.05 -24.36 -19.54
N GLY D 104 3.02 -23.76 -18.88
CA GLY D 104 3.46 -24.25 -17.60
C GLY D 104 4.52 -25.34 -17.72
N THR D 105 5.29 -25.49 -16.65
CA THR D 105 6.39 -26.43 -16.59
C THR D 105 6.32 -27.11 -15.22
N LYS D 106 5.99 -28.39 -15.21
CA LYS D 106 6.01 -29.13 -13.95
C LYS D 106 7.45 -29.50 -13.61
N VAL D 107 7.85 -29.19 -12.39
CA VAL D 107 9.20 -29.39 -11.91
C VAL D 107 9.17 -30.31 -10.71
N GLU D 108 9.81 -31.47 -10.83
CA GLU D 108 9.81 -32.47 -9.78
C GLU D 108 11.23 -32.79 -9.36
N ILE D 109 11.36 -33.18 -8.11
CA ILE D 109 12.64 -33.38 -7.45
C ILE D 109 13.09 -34.83 -7.62
N LYS D 110 14.29 -35.02 -8.14
CA LYS D 110 14.94 -36.33 -8.18
C LYS D 110 15.63 -36.57 -6.84
N ARG D 111 15.22 -37.63 -6.14
CA ARG D 111 15.85 -38.03 -4.89
C ARG D 111 16.21 -39.51 -4.94
N THR D 112 16.62 -40.08 -3.80
CA THR D 112 16.91 -41.51 -3.73
C THR D 112 15.63 -42.33 -3.67
N VAL D 113 15.78 -43.62 -4.01
CA VAL D 113 14.68 -44.56 -3.92
C VAL D 113 14.27 -44.73 -2.47
N ALA D 114 12.96 -44.68 -2.21
CA ALA D 114 12.38 -45.05 -0.94
C ALA D 114 11.30 -46.08 -1.19
N ALA D 115 11.38 -47.22 -0.49
CA ALA D 115 10.31 -48.19 -0.56
C ALA D 115 9.08 -47.64 0.15
N PRO D 116 7.88 -47.98 -0.31
CA PRO D 116 6.68 -47.54 0.40
C PRO D 116 6.46 -48.41 1.63
N SER D 117 5.86 -47.81 2.65
CA SER D 117 5.19 -48.59 3.67
C SER D 117 3.80 -48.94 3.14
N VAL D 118 3.43 -50.21 3.19
CA VAL D 118 2.20 -50.71 2.57
C VAL D 118 1.23 -51.10 3.67
N PHE D 119 -0.02 -50.63 3.58
CA PHE D 119 -1.09 -51.04 4.48
C PHE D 119 -2.34 -51.40 3.70
N ILE D 120 -3.13 -52.33 4.22
CA ILE D 120 -4.38 -52.72 3.57
C ILE D 120 -5.52 -52.60 4.57
N PHE D 121 -6.59 -51.91 4.16
CA PHE D 121 -7.75 -51.68 5.01
C PHE D 121 -8.94 -52.43 4.44
N PRO D 122 -9.47 -53.42 5.13
CA PRO D 122 -10.70 -54.05 4.68
C PRO D 122 -11.86 -53.07 4.73
N PRO D 123 -12.99 -53.38 4.12
CA PRO D 123 -14.18 -52.51 4.28
C PRO D 123 -14.67 -52.48 5.71
N SER D 124 -15.28 -51.37 6.08
CA SER D 124 -15.94 -51.27 7.37
C SER D 124 -17.27 -52.03 7.35
N ASP D 125 -17.71 -52.42 8.53
CA ASP D 125 -19.04 -53.01 8.66
C ASP D 125 -20.11 -52.02 8.23
N GLU D 126 -19.91 -50.73 8.51
CA GLU D 126 -20.87 -49.71 8.09
C GLU D 126 -21.14 -49.81 6.59
N GLN D 127 -20.07 -49.80 5.80
CA GLN D 127 -20.22 -49.76 4.35
C GLN D 127 -20.85 -51.04 3.79
N LEU D 128 -20.45 -52.21 4.31
CA LEU D 128 -21.02 -53.47 3.82
C LEU D 128 -22.54 -53.51 4.01
N LYS D 129 -23.05 -52.88 5.06
N LYS D 129 -23.05 -52.88 5.06
CA LYS D 129 -24.49 -52.78 5.25
CA LYS D 129 -24.49 -52.78 5.25
C LYS D 129 -25.17 -52.08 4.08
C LYS D 129 -25.18 -52.07 4.09
N SER D 130 -24.44 -51.24 3.35
CA SER D 130 -24.98 -50.46 2.24
C SER D 130 -24.87 -51.18 0.90
N GLY D 131 -24.26 -52.37 0.85
CA GLY D 131 -24.20 -53.17 -0.36
C GLY D 131 -22.92 -53.07 -1.15
N THR D 132 -21.92 -52.36 -0.66
CA THR D 132 -20.69 -52.11 -1.40
C THR D 132 -19.49 -52.37 -0.49
N ALA D 133 -18.42 -52.89 -1.07
CA ALA D 133 -17.17 -53.12 -0.34
C ALA D 133 -16.04 -52.39 -1.06
N SER D 134 -15.41 -51.47 -0.35
CA SER D 134 -14.21 -50.80 -0.83
C SER D 134 -13.03 -51.35 -0.05
N VAL D 135 -12.03 -51.87 -0.75
CA VAL D 135 -10.77 -52.30 -0.14
C VAL D 135 -9.70 -51.31 -0.57
N VAL D 136 -9.02 -50.72 0.41
CA VAL D 136 -8.04 -49.69 0.15
C VAL D 136 -6.64 -50.19 0.47
N CYS D 137 -5.74 -50.06 -0.50
CA CYS D 137 -4.31 -50.32 -0.34
C CYS D 137 -3.56 -49.00 -0.31
N LEU D 138 -2.77 -48.79 0.74
CA LEU D 138 -2.00 -47.56 0.93
C LEU D 138 -0.50 -47.82 0.74
N LEU D 139 0.14 -47.00 -0.09
CA LEU D 139 1.60 -46.95 -0.21
C LEU D 139 2.07 -45.58 0.28
N ASN D 140 2.81 -45.57 1.38
CA ASN D 140 3.16 -44.32 2.06
C ASN D 140 4.61 -43.96 1.79
N ASN D 141 4.82 -42.77 1.22
CA ASN D 141 6.08 -42.02 1.20
C ASN D 141 7.22 -42.81 0.56
N PHE D 142 7.07 -42.98 -0.76
CA PHE D 142 7.98 -43.78 -1.57
C PHE D 142 8.46 -42.96 -2.75
N TYR D 143 9.61 -43.35 -3.27
CA TYR D 143 10.18 -42.83 -4.50
C TYR D 143 10.84 -43.99 -5.24
N PRO D 144 10.81 -44.01 -6.58
CA PRO D 144 10.15 -43.07 -7.50
C PRO D 144 8.64 -43.31 -7.61
N ARG D 145 7.97 -42.48 -8.40
CA ARG D 145 6.50 -42.51 -8.46
C ARG D 145 6.00 -43.82 -9.04
N GLU D 146 6.61 -44.31 -10.12
CA GLU D 146 6.09 -45.45 -10.84
C GLU D 146 6.11 -46.70 -9.98
N ALA D 147 4.93 -47.28 -9.79
CA ALA D 147 4.80 -48.54 -9.08
C ALA D 147 3.66 -49.32 -9.72
N LYS D 148 3.68 -50.63 -9.55
CA LYS D 148 2.58 -51.49 -9.96
C LYS D 148 1.87 -51.96 -8.70
N VAL D 149 0.57 -51.72 -8.63
CA VAL D 149 -0.25 -52.16 -7.50
C VAL D 149 -1.33 -53.09 -8.04
N SER D 150 -1.26 -54.36 -7.66
CA SER D 150 -2.16 -55.38 -8.17
C SER D 150 -3.00 -55.96 -7.05
N TRP D 151 -4.25 -56.26 -7.37
CA TRP D 151 -5.20 -56.78 -6.40
C TRP D 151 -5.41 -58.27 -6.62
N TYR D 152 -5.47 -59.00 -5.53
CA TYR D 152 -5.71 -60.44 -5.57
C TYR D 152 -6.85 -60.76 -4.63
N VAL D 153 -7.81 -61.53 -5.14
CA VAL D 153 -8.94 -61.99 -4.37
C VAL D 153 -8.88 -63.51 -4.38
N ASP D 154 -8.63 -64.09 -3.21
CA ASP D 154 -8.40 -65.54 -3.11
C ASP D 154 -7.43 -66.02 -4.19
N ASN D 155 -6.38 -65.23 -4.43
CA ASN D 155 -5.28 -65.48 -5.35
C ASN D 155 -5.63 -65.29 -6.83
N ALA D 156 -6.79 -64.74 -7.14
CA ALA D 156 -7.15 -64.40 -8.51
C ALA D 156 -6.79 -62.94 -8.75
N LEU D 157 -5.89 -62.70 -9.70
CA LEU D 157 -5.49 -61.34 -10.01
C LEU D 157 -6.68 -60.55 -10.56
N GLN D 158 -6.91 -59.38 -9.99
CA GLN D 158 -8.04 -58.55 -10.38
C GLN D 158 -7.65 -57.60 -11.51
N SER D 159 -8.68 -57.13 -12.22
CA SER D 159 -8.52 -56.13 -13.26
C SER D 159 -9.87 -55.47 -13.56
N GLY D 160 -9.84 -54.16 -13.77
CA GLY D 160 -11.03 -53.42 -14.12
C GLY D 160 -11.86 -52.93 -12.94
N ASN D 161 -11.55 -53.32 -11.71
CA ASN D 161 -12.40 -53.03 -10.56
C ASN D 161 -11.68 -52.26 -9.46
N SER D 162 -10.67 -51.47 -9.83
CA SER D 162 -9.95 -50.64 -8.86
C SER D 162 -9.55 -49.34 -9.52
N GLN D 163 -9.30 -48.34 -8.68
CA GLN D 163 -8.87 -47.03 -9.13
C GLN D 163 -7.73 -46.54 -8.26
N GLU D 164 -6.82 -45.77 -8.86
CA GLU D 164 -5.63 -45.29 -8.18
C GLU D 164 -5.65 -43.78 -8.03
N SER D 165 -5.03 -43.30 -6.95
CA SER D 165 -4.81 -41.89 -6.74
C SER D 165 -3.45 -41.69 -6.10
N VAL D 166 -2.71 -40.69 -6.57
CA VAL D 166 -1.35 -40.40 -6.11
C VAL D 166 -1.29 -38.98 -5.61
N THR D 167 -0.68 -38.79 -4.44
CA THR D 167 -0.43 -37.43 -3.97
C THR D 167 0.67 -36.78 -4.79
N GLU D 168 0.62 -35.46 -4.90
N GLU D 168 0.62 -35.46 -4.89
CA GLU D 168 1.72 -34.73 -5.51
CA GLU D 168 1.71 -34.73 -5.50
C GLU D 168 2.97 -34.85 -4.65
C GLU D 168 2.97 -34.87 -4.65
N GLN D 169 4.12 -34.58 -5.25
CA GLN D 169 5.40 -34.80 -4.57
C GLN D 169 5.45 -34.03 -3.25
N ASP D 170 5.89 -34.71 -2.19
CA ASP D 170 5.99 -34.08 -0.89
C ASP D 170 7.02 -32.96 -0.92
N SER D 171 6.70 -31.85 -0.27
CA SER D 171 7.57 -30.69 -0.34
C SER D 171 8.76 -30.80 0.62
N LYS D 172 8.70 -31.70 1.60
CA LYS D 172 9.81 -31.91 2.53
C LYS D 172 10.70 -33.07 2.12
N ASP D 173 10.18 -34.30 2.04
CA ASP D 173 11.04 -35.44 1.75
C ASP D 173 10.93 -35.91 0.31
N SER D 174 10.20 -35.20 -0.55
CA SER D 174 10.18 -35.41 -2.00
C SER D 174 9.68 -36.79 -2.39
N THR D 175 8.94 -37.47 -1.52
CA THR D 175 8.36 -38.76 -1.83
C THR D 175 6.90 -38.60 -2.27
N TYR D 176 6.34 -39.70 -2.76
CA TYR D 176 4.95 -39.77 -3.16
C TYR D 176 4.19 -40.76 -2.29
N SER D 177 2.87 -40.64 -2.30
CA SER D 177 2.01 -41.62 -1.67
C SER D 177 0.92 -41.98 -2.66
N LEU D 178 0.49 -43.24 -2.61
CA LEU D 178 -0.49 -43.73 -3.55
C LEU D 178 -1.51 -44.59 -2.82
N SER D 179 -2.76 -44.42 -3.20
CA SER D 179 -3.86 -45.28 -2.77
C SER D 179 -4.37 -46.06 -3.97
N SER D 180 -4.75 -47.31 -3.75
CA SER D 180 -5.48 -48.08 -4.74
C SER D 180 -6.70 -48.66 -4.07
N THR D 181 -7.87 -48.41 -4.66
CA THR D 181 -9.14 -48.79 -4.06
C THR D 181 -9.80 -49.87 -4.91
N LEU D 182 -10.07 -51.01 -4.31
CA LEU D 182 -10.76 -52.10 -5.01
C LEU D 182 -12.23 -52.08 -4.61
N THR D 183 -13.12 -52.03 -5.60
CA THR D 183 -14.55 -51.80 -5.40
C THR D 183 -15.34 -53.04 -5.84
N LEU D 184 -15.95 -53.72 -4.87
CA LEU D 184 -16.76 -54.89 -5.14
C LEU D 184 -18.13 -54.75 -4.50
N SER D 185 -19.08 -55.48 -5.06
CA SER D 185 -20.38 -55.60 -4.41
C SER D 185 -20.21 -56.30 -3.07
N LYS D 186 -21.10 -55.97 -2.13
CA LYS D 186 -21.15 -56.74 -0.89
C LYS D 186 -21.23 -58.23 -1.18
N ALA D 187 -22.01 -58.62 -2.21
CA ALA D 187 -22.15 -60.04 -2.54
C ALA D 187 -20.82 -60.64 -2.99
N ASP D 188 -20.11 -59.97 -3.90
CA ASP D 188 -18.81 -60.49 -4.33
C ASP D 188 -17.87 -60.62 -3.14
N TYR D 189 -17.90 -59.65 -2.23
CA TYR D 189 -16.95 -59.60 -1.13
C TYR D 189 -17.14 -60.76 -0.16
N GLU D 190 -18.40 -61.12 0.10
CA GLU D 190 -18.70 -62.25 0.99
C GLU D 190 -18.25 -63.57 0.40
N LYS D 191 -18.14 -63.67 -0.92
CA LYS D 191 -17.87 -64.96 -1.55
C LYS D 191 -16.40 -65.34 -1.51
N HIS D 192 -15.53 -64.46 -0.99
CA HIS D 192 -14.11 -64.72 -1.01
C HIS D 192 -13.52 -64.39 0.36
N LYS D 193 -12.32 -64.92 0.60
CA LYS D 193 -11.71 -64.86 1.93
C LYS D 193 -10.43 -64.04 1.97
N VAL D 194 -9.50 -64.26 1.04
CA VAL D 194 -8.18 -63.65 1.11
C VAL D 194 -8.11 -62.48 0.15
N TYR D 195 -7.76 -61.31 0.66
CA TYR D 195 -7.64 -60.10 -0.13
C TYR D 195 -6.22 -59.58 -0.01
N ALA D 196 -5.58 -59.30 -1.14
CA ALA D 196 -4.17 -59.00 -1.11
C ALA D 196 -3.88 -57.84 -2.04
N CYS D 197 -3.06 -56.92 -1.55
CA CYS D 197 -2.51 -55.83 -2.35
C CYS D 197 -1.04 -56.13 -2.59
N GLU D 198 -0.66 -56.26 -3.87
CA GLU D 198 0.71 -56.56 -4.27
C GLU D 198 1.35 -55.33 -4.90
N VAL D 199 2.46 -54.87 -4.34
CA VAL D 199 3.12 -53.66 -4.80
C VAL D 199 4.50 -54.04 -5.30
N THR D 200 4.79 -53.72 -6.57
CA THR D 200 6.03 -54.11 -7.22
C THR D 200 6.81 -52.88 -7.68
N GLN D 201 8.06 -52.80 -7.25
CA GLN D 201 8.95 -51.72 -7.66
C GLN D 201 10.26 -52.35 -8.11
N GLY D 202 10.47 -52.43 -9.42
CA GLY D 202 11.66 -53.02 -9.97
C GLY D 202 11.87 -54.47 -9.56
N THR D 203 12.87 -54.71 -8.71
CA THR D 203 13.26 -56.06 -8.31
C THR D 203 12.47 -56.60 -7.12
N THR D 204 11.52 -55.85 -6.56
CA THR D 204 10.93 -56.23 -5.28
C THR D 204 9.40 -56.11 -5.33
N SER D 205 8.72 -57.17 -4.95
CA SER D 205 7.27 -57.14 -4.77
C SER D 205 6.96 -57.34 -3.29
N VAL D 206 6.10 -56.49 -2.76
CA VAL D 206 5.62 -56.54 -1.38
C VAL D 206 4.11 -56.71 -1.40
N THR D 207 3.61 -57.75 -0.74
CA THR D 207 2.18 -58.02 -0.71
C THR D 207 1.68 -57.96 0.72
N LYS D 208 0.66 -57.12 0.96
CA LYS D 208 -0.05 -57.08 2.23
C LYS D 208 -1.49 -57.52 2.01
N SER D 209 -2.04 -58.20 3.00
CA SER D 209 -3.29 -58.91 2.79
C SER D 209 -3.97 -59.15 4.13
N PHE D 210 -5.24 -59.55 4.06
CA PHE D 210 -6.01 -59.97 5.21
C PHE D 210 -6.96 -61.07 4.76
N ASN D 211 -7.40 -61.90 5.71
CA ASN D 211 -8.50 -62.83 5.50
C ASN D 211 -9.78 -62.20 6.06
N ARG D 212 -10.85 -62.25 5.28
CA ARG D 212 -12.09 -61.61 5.70
C ARG D 212 -12.64 -62.33 6.94
N GLY D 213 -13.06 -61.54 7.93
CA GLY D 213 -13.66 -62.06 9.14
C GLY D 213 -12.71 -62.33 10.28
N GLU D 214 -11.39 -62.30 10.07
CA GLU D 214 -10.45 -62.61 11.14
C GLU D 214 -10.29 -61.39 12.05
N CYS D 215 -9.36 -61.48 12.99
CA CYS D 215 -9.24 -60.48 14.06
C CYS D 215 -10.56 -60.40 14.83
C1 BTB E . 12.03 29.60 11.07
O1 BTB E . 12.97 28.93 10.27
C2 BTB E . 10.63 29.20 10.62
C3 BTB E . 9.61 30.18 11.26
O3 BTB E . 8.28 29.93 10.87
C4 BTB E . 10.51 29.53 9.12
O4 BTB E . 10.96 30.83 8.81
N BTB E . 10.25 27.82 11.04
C5 BTB E . 11.03 26.67 10.63
C6 BTB E . 11.60 25.81 11.77
O6 BTB E . 12.01 24.54 11.32
C7 BTB E . 9.75 27.65 12.41
C8 BTB E . 8.37 27.02 12.53
O8 BTB E . 7.67 27.53 13.66
C1 PEG F . 9.77 33.09 2.54
O1 PEG F . 9.32 34.43 2.52
C2 PEG F . 10.89 32.87 3.52
O2 PEG F . 11.46 31.58 3.31
C3 PEG F . 11.17 30.63 4.35
C4 PEG F . 11.66 29.28 3.92
O4 PEG F . 10.99 28.21 4.58
C1 PEG G . 17.59 14.20 6.31
O1 PEG G . 18.95 13.79 6.47
C2 PEG G . 16.85 13.33 5.34
O2 PEG G . 16.10 12.36 6.04
C3 PEG G . 15.10 12.91 6.90
C4 PEG G . 14.25 11.81 7.48
O4 PEG G . 12.87 11.99 7.18
C1 PEG H . 12.06 52.79 23.94
O1 PEG H . 11.79 54.05 24.55
C2 PEG H . 13.49 52.36 24.14
O2 PEG H . 13.55 51.35 25.15
C3 PEG H . 13.05 50.11 24.70
C4 PEG H . 14.08 49.40 23.88
O4 PEG H . 13.47 48.39 23.08
C1 EDO I . 24.15 38.60 32.62
O1 EDO I . 24.34 38.74 34.03
C2 EDO I . 24.71 37.26 32.16
O2 EDO I . 23.97 36.80 31.02
C1 EDO J . 17.72 17.47 4.29
O1 EDO J . 16.78 16.42 4.03
C2 EDO J . 17.01 18.75 4.73
O2 EDO J . 16.92 19.72 3.66
C1 PEG K . 11.82 24.12 6.72
O1 PEG K . 11.73 25.51 6.39
C2 PEG K . 13.21 23.62 6.54
O2 PEG K . 13.35 22.28 7.02
C3 PEG K . 14.25 21.49 6.24
C4 PEG K . 15.59 21.44 6.89
O4 PEG K . 16.64 21.72 5.97
C1 EDO L . 17.10 17.52 -16.95
C1 EDO L . 16.95 17.60 -17.44
O1 EDO L . 17.26 17.15 -15.58
O1 EDO L . 16.95 17.26 -16.04
C2 EDO L . 18.41 17.32 -17.72
C2 EDO L . 18.37 17.46 -17.98
O2 EDO L . 18.09 16.77 -19.00
O2 EDO L . 19.30 18.00 -17.02
C1 EDO M . 15.13 32.35 -10.36
O1 EDO M . 13.88 31.88 -10.84
C2 EDO M . 16.06 32.69 -11.51
O2 EDO M . 15.84 34.06 -11.84
C1 EDO N . 22.21 23.09 4.78
O1 EDO N . 20.81 22.76 4.78
C2 EDO N . 22.48 24.31 3.91
O2 EDO N . 23.61 25.07 4.39
C ACT O . 14.30 24.73 32.50
O ACT O . 13.40 23.89 32.70
OXT ACT O . 15.11 25.22 33.32
CH3 ACT O . 14.44 25.24 31.01
C ACT P . -4.56 8.40 -14.93
O ACT P . -3.95 9.21 -15.68
OXT ACT P . -4.88 8.55 -13.72
CH3 ACT P . -4.95 7.02 -15.56
NA NA Q . 12.42 40.56 9.96
NA NA R . 15.65 26.54 19.67
NA NA S . 10.28 37.48 10.67
NA NA T . 8.16 31.85 -10.30
CL CL U . 9.88 48.47 24.42
C1 PEG V . -6.36 58.69 8.79
O1 PEG V . -5.83 59.96 9.18
C2 PEG V . -7.38 58.18 9.75
O2 PEG V . -7.82 56.89 9.35
C3 PEG V . -8.15 56.05 10.46
C4 PEG V . -7.84 54.63 10.11
O4 PEG V . -8.98 53.92 9.60
C1 BTB W . -2.19 51.30 24.82
O1 BTB W . -1.04 51.62 25.58
C2 BTB W . -1.91 51.18 23.31
C3 BTB W . -2.88 52.09 22.51
O3 BTB W . -4.05 52.55 23.13
C4 BTB W . -0.56 51.80 22.99
O4 BTB W . -0.31 51.85 21.59
N BTB W . -2.08 49.80 22.79
C5 BTB W . -3.26 49.16 23.37
C6 BTB W . -3.62 47.73 23.01
O6 BTB W . -5.03 47.56 22.93
C7 BTB W . -0.91 48.94 22.64
C8 BTB W . -0.05 48.65 23.87
O8 BTB W . 1.16 49.44 23.87
C1 PEG X . 14.17 53.59 1.45
O1 PEG X . 13.58 52.73 0.47
C2 PEG X . 14.22 55.02 0.98
O2 PEG X . 14.13 55.88 2.10
C3 PEG X . 12.84 55.88 2.69
C4 PEG X . 11.97 56.91 2.05
O4 PEG X . 10.67 56.39 1.78
C1 PEG Y . -5.53 55.57 5.18
O1 PEG Y . -5.61 55.06 6.50
C2 PEG Y . -4.45 56.62 5.06
O2 PEG Y . -3.19 55.98 4.88
C3 PEG Y . -2.08 56.78 5.31
C4 PEG Y . -1.15 55.93 6.10
O4 PEG Y . -0.24 55.22 5.28
C1 EDO Z . 5.27 50.03 4.39
O1 EDO Z . 4.98 49.08 5.44
C2 EDO Z . 4.71 51.41 4.74
O2 EDO Z . 5.62 52.18 5.53
C1 EDO AA . -9.78 16.41 9.76
O1 EDO AA . -9.30 17.31 10.75
C2 EDO AA . -9.62 14.97 10.19
O2 EDO AA . -9.54 14.16 9.02
C1 EDO BA . 2.00 58.95 12.37
O1 EDO BA . 0.85 58.12 12.09
C2 EDO BA . 2.20 59.99 11.25
O2 EDO BA . 3.10 61.06 11.66
C1 PEG CA . 3.98 37.68 3.19
C1 PEG CA . 1.40 36.55 4.87
O1 PEG CA . 2.83 37.28 3.93
O1 PEG CA . 0.63 36.63 3.68
C2 PEG CA . 4.86 38.60 3.97
C2 PEG CA . 2.27 37.75 5.04
O2 PEG CA . 6.11 37.96 4.25
O2 PEG CA . 3.03 37.94 3.85
C3 PEG CA . 5.97 36.80 5.05
C3 PEG CA . 4.29 38.53 4.09
C4 PEG CA . 7.32 36.33 5.54
C4 PEG CA . 5.32 37.47 4.37
O4 PEG CA . 8.17 35.98 4.47
O4 PEG CA . 6.50 38.01 4.93
C1 EDO DA . -9.34 45.36 8.65
O1 EDO DA . -10.30 45.18 9.69
C2 EDO DA . -9.81 46.43 7.67
O2 EDO DA . -8.71 47.24 7.23
NA NA EA . -14.59 45.37 19.68
NA NA FA . -10.47 41.96 7.20
CL CL GA . 24.66 46.49 11.82
C1 PEG HA . -7.77 51.80 20.16
O1 PEG HA . -8.94 52.48 19.74
C2 PEG HA . -7.70 50.42 19.58
O2 PEG HA . -8.94 49.75 19.71
C3 PEG HA . -9.70 49.73 18.50
C4 PEG HA . -8.83 49.48 17.32
O4 PEG HA . -9.15 48.26 16.67
C1 PEG IA . -16.49 5.59 -19.50
O1 PEG IA . -15.93 6.86 -19.21
C2 PEG IA . -16.53 4.73 -18.28
O2 PEG IA . -15.55 3.71 -18.37
C3 PEG IA . -15.91 2.69 -19.30
C4 PEG IA . -15.20 1.41 -18.95
O4 PEG IA . -15.79 0.30 -19.61
C ACT JA . -28.32 -31.47 -1.20
O ACT JA . -27.72 -32.56 -0.93
OXT ACT JA . -27.96 -30.29 -0.93
CH3 ACT JA . -29.69 -31.60 -1.97
C ACT KA . -17.19 -0.72 -13.40
O ACT KA . -16.66 -1.04 -14.49
OXT ACT KA . -17.12 -1.31 -12.29
CH3 ACT KA . -18.08 0.60 -13.41
NA NA LA . -10.69 -1.18 -10.09
NA NA MA . -11.41 -31.95 -2.53
C1 EDO NA . -16.55 -59.37 7.43
O1 EDO NA . -17.12 -59.69 6.16
C2 EDO NA . -15.80 -58.04 7.36
O2 EDO NA . -14.67 -58.15 6.49
#